data_6TA0
#
_entry.id   6TA0
#
_cell.length_a   60.707
_cell.length_b   106.867
_cell.length_c   82.827
_cell.angle_alpha   90.000
_cell.angle_beta   96.500
_cell.angle_gamma   90.000
#
_symmetry.space_group_name_H-M   'P 1 21 1'
#
loop_
_entity.id
_entity.type
_entity.pdbx_description
1 polymer 'Nicotinamide phosphoribosyltransferase'
2 non-polymer 1-O-pyrophosphono-5-O-phosphono-alpha-D-ribofuranose
3 non-polymer GLYCEROL
4 non-polymer 'NICOTINIC ACID'
5 water water
#
_entity_poly.entity_id   1
_entity_poly.type   'polypeptide(L)'
_entity_poly.pdbx_seq_one_letter_code
;MRGSHHHHHHGSMNPAAEAEFNILLATDSYKVTHYKQYPPNTSKVYSYFECREKKTENSKLRKVKYEETVFYGLQYILNK
YLKGKVVTKEKIQEAKDVYKEHFQDDVFNEKGWNYILEKYDGHLPIEIKAVPEGFVIPRGNVLFTVENTDPECYWLTNWI
ETILVQSWYPITVATNSREQKKILAKYLLETSGNLDGLEYKLHDFGYRGVSSQETAGIGASAHLVNFKGTDTVAGLALIK
KYYGTKDPVPGYSVPAAEHSTITAWGKDHEKDAFEHIVTQFSSVPVSVVSDSYDIYNACEKIWGEDLRHLIVSRSTQAPL
IIRPDSGNPLDTVLKVLEILGKKFPVTENSKGYKLLPPYLRVIQGDGVDINTLQEIVEGMKQKMWSIENIAFGSGGGLLQ
KLTRDLLNCSFKCSYVVTNGLGINVFKDPVADPNKRSKKGRLSLHRTPAGNFVTLEEGKGDLEEYGQDLLHTVFKNGKVT
KSYSFDEIRKNAQLNIELEAAHH
;
_entity_poly.pdbx_strand_id   A,B
#
loop_
_chem_comp.id
_chem_comp.type
_chem_comp.name
_chem_comp.formula
GOL non-polymer GLYCEROL 'C3 H8 O3'
NIO non-polymer 'NICOTINIC ACID' 'C6 H5 N O2'
PRP D-saccharide 1-O-pyrophosphono-5-O-phosphono-alpha-D-ribofuranose 'C5 H13 O14 P3'
#
# COMPACT_ATOMS: atom_id res chain seq x y z
N GLU A 20 13.28 -18.41 3.34
CA GLU A 20 11.96 -18.04 2.83
C GLU A 20 12.13 -16.98 1.73
N PHE A 21 12.38 -15.75 2.15
CA PHE A 21 12.65 -14.68 1.19
C PHE A 21 13.89 -15.01 0.35
N ASN A 22 13.78 -14.76 -0.95
CA ASN A 22 14.85 -15.03 -1.90
C ASN A 22 15.11 -13.75 -2.70
N ILE A 23 16.22 -13.09 -2.41
CA ILE A 23 16.58 -11.85 -3.09
C ILE A 23 16.72 -12.02 -4.59
N LEU A 24 16.97 -13.24 -5.07
CA LEU A 24 17.06 -13.47 -6.50
C LEU A 24 15.71 -13.40 -7.18
N LEU A 25 14.63 -13.47 -6.40
CA LEU A 25 13.27 -13.39 -6.88
C LEU A 25 12.60 -12.12 -6.38
N ALA A 26 13.38 -11.15 -5.95
CA ALA A 26 12.85 -9.91 -5.36
C ALA A 26 13.28 -8.70 -6.17
N THR A 27 13.21 -8.83 -7.47
CA THR A 27 13.48 -7.70 -8.36
C THR A 27 12.41 -7.67 -9.45
N ASP A 28 12.34 -6.54 -10.14
CA ASP A 28 11.51 -6.49 -11.33
C ASP A 28 12.06 -7.47 -12.36
N SER A 29 11.17 -8.21 -13.01
CA SER A 29 11.61 -9.25 -13.96
C SER A 29 12.64 -8.74 -14.96
N TYR A 30 12.40 -7.58 -15.58
CA TYR A 30 13.33 -7.13 -16.60
C TYR A 30 14.76 -6.98 -16.10
N LYS A 31 14.98 -6.76 -14.81
CA LYS A 31 16.32 -6.57 -14.30
C LYS A 31 17.12 -7.86 -14.39
N VAL A 32 16.43 -8.99 -14.48
CA VAL A 32 17.09 -10.27 -14.69
C VAL A 32 17.89 -10.25 -15.98
N THR A 33 17.48 -9.43 -16.95
CA THR A 33 18.09 -9.40 -18.27
C THR A 33 19.09 -8.27 -18.45
N HIS A 34 19.31 -7.42 -17.44
CA HIS A 34 20.12 -6.24 -17.67
C HIS A 34 21.62 -6.50 -17.71
N TYR A 35 22.10 -7.58 -17.11
CA TYR A 35 23.54 -7.84 -17.15
C TYR A 35 24.05 -7.98 -18.57
N LYS A 36 23.19 -8.34 -19.52
CA LYS A 36 23.54 -8.46 -20.95
C LYS A 36 23.43 -7.16 -21.71
N GLN A 37 22.94 -6.09 -21.07
CA GLN A 37 22.63 -4.83 -21.73
C GLN A 37 23.60 -3.70 -21.47
N TYR A 38 24.29 -3.73 -20.34
CA TYR A 38 25.27 -2.72 -20.00
C TYR A 38 26.42 -2.78 -21.02
N PRO A 39 27.15 -1.68 -21.19
CA PRO A 39 28.32 -1.70 -22.09
C PRO A 39 29.28 -2.80 -21.70
N PRO A 40 29.83 -3.52 -22.67
CA PRO A 40 30.97 -4.39 -22.35
C PRO A 40 32.07 -3.64 -21.63
N ASN A 41 32.80 -4.35 -20.77
CA ASN A 41 33.95 -3.81 -20.06
C ASN A 41 33.54 -2.79 -19.02
N THR A 42 32.32 -2.96 -18.48
CA THR A 42 31.84 -2.12 -17.38
C THR A 42 32.13 -2.81 -16.05
N SER A 43 32.86 -2.08 -15.18
CA SER A 43 33.30 -2.59 -13.89
C SER A 43 32.58 -1.93 -12.71
N LYS A 44 31.86 -0.84 -12.95
CA LYS A 44 31.25 -0.09 -11.84
C LYS A 44 29.95 0.49 -12.34
N VAL A 45 28.87 0.31 -11.56
CA VAL A 45 27.61 1.02 -11.79
C VAL A 45 27.26 1.68 -10.47
N TYR A 46 27.06 2.99 -10.51
CA TYR A 46 26.83 3.83 -9.34
C TYR A 46 25.51 4.55 -9.55
N SER A 47 24.61 4.41 -8.58
CA SER A 47 23.23 4.90 -8.69
C SER A 47 22.86 5.61 -7.38
N TYR A 48 21.80 6.43 -7.44
CA TYR A 48 21.42 7.26 -6.31
C TYR A 48 19.90 7.37 -6.26
N PHE A 49 19.41 7.74 -5.08
CA PHE A 49 17.98 7.93 -4.82
C PHE A 49 17.75 9.37 -4.42
N GLU A 50 16.74 10.00 -5.01
CA GLU A 50 16.30 11.33 -4.61
C GLU A 50 14.78 11.40 -4.66
N CYS A 51 14.24 12.41 -3.98
CA CYS A 51 12.84 12.81 -4.16
C CYS A 51 12.86 14.03 -5.04
N ARG A 52 12.65 13.83 -6.35
CA ARG A 52 12.93 14.88 -7.31
C ARG A 52 12.08 16.11 -7.03
N GLU A 53 12.67 17.27 -7.31
CA GLU A 53 11.92 18.51 -7.34
C GLU A 53 10.87 18.48 -8.45
N LYS A 54 9.79 19.21 -8.23
CA LYS A 54 8.71 19.34 -9.20
C LYS A 54 8.62 20.78 -9.71
N LYS A 65 4.61 22.71 -1.79
CA LYS A 65 4.04 21.54 -1.13
C LYS A 65 5.04 20.39 -1.09
N TYR A 66 5.20 19.85 0.11
CA TYR A 66 6.19 18.82 0.42
C TYR A 66 7.58 19.22 -0.05
N GLU A 67 8.04 20.36 0.44
CA GLU A 67 9.34 20.89 0.01
C GLU A 67 10.51 20.17 0.66
N GLU A 68 10.29 19.43 1.74
CA GLU A 68 11.36 18.72 2.42
C GLU A 68 10.85 17.38 2.89
N THR A 69 11.74 16.38 2.94
CA THR A 69 11.34 15.01 3.20
C THR A 69 12.11 14.47 4.40
N VAL A 70 11.43 13.66 5.20
CA VAL A 70 12.02 12.90 6.29
C VAL A 70 12.62 11.62 5.73
N PHE A 71 13.94 11.41 5.88
CA PHE A 71 14.57 10.19 5.42
C PHE A 71 14.44 9.12 6.49
N TYR A 72 13.64 8.10 6.22
CA TYR A 72 13.37 7.06 7.19
C TYR A 72 13.03 5.76 6.46
N GLY A 73 13.57 4.64 6.94
CA GLY A 73 13.10 3.31 6.58
C GLY A 73 14.16 2.44 5.93
N LEU A 74 15.31 3.00 5.55
CA LEU A 74 16.30 2.20 4.85
C LEU A 74 16.89 1.13 5.77
N GLN A 75 17.08 1.46 7.05
CA GLN A 75 17.67 0.52 8.02
C GLN A 75 16.84 -0.74 8.17
N TYR A 76 15.52 -0.60 8.13
CA TYR A 76 14.66 -1.79 8.09
C TYR A 76 15.01 -2.68 6.91
N ILE A 77 15.06 -2.09 5.71
CA ILE A 77 15.30 -2.86 4.48
C ILE A 77 16.67 -3.51 4.52
N LEU A 78 17.70 -2.77 4.98
CA LEU A 78 19.06 -3.30 5.02
C LEU A 78 19.12 -4.56 5.87
N ASN A 79 18.51 -4.50 7.05
CA ASN A 79 18.58 -5.62 7.99
C ASN A 79 17.67 -6.76 7.60
N LYS A 80 16.46 -6.46 7.16
CA LYS A 80 15.52 -7.53 6.87
C LYS A 80 15.89 -8.30 5.59
N TYR A 81 16.38 -7.61 4.56
CA TYR A 81 16.49 -8.19 3.23
C TYR A 81 17.90 -8.25 2.65
N LEU A 82 18.82 -7.36 3.04
CA LEU A 82 20.08 -7.26 2.31
C LEU A 82 21.30 -7.80 3.05
N LYS A 83 21.29 -7.84 4.37
CA LYS A 83 22.52 -8.17 5.07
C LYS A 83 22.72 -9.67 5.19
N GLY A 84 23.98 -10.05 5.39
CA GLY A 84 24.30 -11.43 5.70
C GLY A 84 24.30 -12.29 4.45
N LYS A 85 24.13 -13.59 4.67
CA LYS A 85 24.22 -14.54 3.56
C LYS A 85 22.86 -14.59 2.89
N VAL A 86 22.72 -13.87 1.78
CA VAL A 86 21.43 -13.80 1.09
C VAL A 86 21.38 -14.67 -0.16
N VAL A 87 22.49 -15.29 -0.53
CA VAL A 87 22.57 -16.20 -1.67
C VAL A 87 22.93 -17.58 -1.15
N THR A 88 22.20 -18.59 -1.63
CA THR A 88 22.51 -19.99 -1.37
C THR A 88 22.38 -20.78 -2.66
N LYS A 89 22.94 -21.98 -2.67
CA LYS A 89 22.81 -22.84 -3.84
C LYS A 89 21.34 -23.09 -4.18
N GLU A 90 20.52 -23.32 -3.15
CA GLU A 90 19.12 -23.62 -3.36
C GLU A 90 18.37 -22.41 -3.94
N LYS A 91 18.67 -21.21 -3.44
CA LYS A 91 18.03 -20.00 -3.95
C LYS A 91 18.40 -19.77 -5.41
N ILE A 92 19.66 -20.04 -5.79
CA ILE A 92 20.05 -19.90 -7.19
C ILE A 92 19.25 -20.86 -8.07
N GLN A 93 19.17 -22.13 -7.66
CA GLN A 93 18.43 -23.13 -8.43
C GLN A 93 16.95 -22.79 -8.51
N GLU A 94 16.37 -22.30 -7.41
CA GLU A 94 14.98 -21.90 -7.39
C GLU A 94 14.74 -20.76 -8.38
N ALA A 95 15.59 -19.73 -8.35
CA ALA A 95 15.43 -18.61 -9.29
C ALA A 95 15.60 -19.09 -10.72
N LYS A 96 16.64 -19.88 -10.98
CA LYS A 96 16.85 -20.39 -12.34
C LYS A 96 15.60 -21.09 -12.87
N ASP A 97 14.96 -21.92 -12.04
CA ASP A 97 13.79 -22.68 -12.48
C ASP A 97 12.59 -21.77 -12.73
N VAL A 98 12.38 -20.78 -11.85
CA VAL A 98 11.25 -19.88 -12.03
C VAL A 98 11.43 -19.05 -13.29
N TYR A 99 12.62 -18.47 -13.48
CA TYR A 99 12.84 -17.59 -14.62
C TYR A 99 12.83 -18.35 -15.95
N LYS A 100 13.25 -19.61 -15.96
CA LYS A 100 13.13 -20.38 -17.19
C LYS A 100 11.68 -20.42 -17.66
N GLU A 101 10.73 -20.55 -16.73
CA GLU A 101 9.33 -20.65 -17.11
C GLU A 101 8.75 -19.26 -17.35
N HIS A 102 9.14 -18.31 -16.50
CA HIS A 102 8.62 -16.94 -16.58
C HIS A 102 9.00 -16.25 -17.88
N PHE A 103 10.24 -16.45 -18.36
CA PHE A 103 10.69 -15.88 -19.63
C PHE A 103 10.58 -16.83 -20.81
N GLN A 104 10.32 -18.11 -20.56
CA GLN A 104 10.29 -19.11 -21.62
C GLN A 104 11.64 -19.11 -22.34
N ASP A 105 12.69 -18.93 -21.57
CA ASP A 105 14.02 -18.71 -22.13
C ASP A 105 15.02 -18.73 -20.98
N ASP A 106 16.27 -19.00 -21.32
CA ASP A 106 17.38 -19.01 -20.38
C ASP A 106 18.06 -17.66 -20.49
N VAL A 107 17.74 -16.77 -19.56
CA VAL A 107 18.39 -15.47 -19.45
C VAL A 107 18.98 -15.22 -18.07
N PHE A 108 18.58 -15.95 -17.04
CA PHE A 108 19.09 -15.72 -15.69
C PHE A 108 20.62 -15.87 -15.58
N ASN A 109 21.26 -14.88 -14.91
CA ASN A 109 22.72 -14.82 -14.72
C ASN A 109 23.14 -15.73 -13.57
N GLU A 110 23.04 -17.04 -13.83
CA GLU A 110 23.46 -18.04 -12.83
C GLU A 110 24.94 -17.89 -12.49
N LYS A 111 25.80 -17.66 -13.49
CA LYS A 111 27.23 -17.48 -13.25
C LYS A 111 27.48 -16.36 -12.26
N GLY A 112 26.86 -15.20 -12.50
CA GLY A 112 27.13 -14.04 -11.67
C GLY A 112 26.66 -14.22 -10.23
N TRP A 113 25.52 -14.90 -10.04
CA TRP A 113 25.06 -15.16 -8.68
C TRP A 113 25.91 -16.23 -8.00
N ASN A 114 26.36 -17.24 -8.76
CA ASN A 114 27.24 -18.25 -8.17
C ASN A 114 28.56 -17.65 -7.74
N TYR A 115 29.06 -16.65 -8.48
CA TYR A 115 30.27 -15.93 -8.12
C TYR A 115 30.15 -15.31 -6.73
N ILE A 116 29.05 -14.59 -6.48
CA ILE A 116 28.83 -14.00 -5.17
C ILE A 116 28.78 -15.08 -4.09
N LEU A 117 28.14 -16.21 -4.38
CA LEU A 117 28.05 -17.29 -3.42
C LEU A 117 29.44 -17.83 -3.07
N GLU A 118 30.25 -18.11 -4.09
CA GLU A 118 31.54 -18.75 -3.85
C GLU A 118 32.59 -17.77 -3.32
N LYS A 119 32.59 -16.53 -3.82
CA LYS A 119 33.64 -15.61 -3.44
C LYS A 119 33.36 -14.91 -2.12
N TYR A 120 32.10 -14.61 -1.83
CA TYR A 120 31.74 -13.78 -0.69
C TYR A 120 30.83 -14.50 0.29
N ASP A 121 30.71 -15.82 0.17
CA ASP A 121 29.81 -16.62 1.00
C ASP A 121 28.40 -16.06 0.97
N GLY A 122 27.99 -15.59 -0.21
CA GLY A 122 26.63 -15.12 -0.40
C GLY A 122 26.33 -13.74 0.13
N HIS A 123 27.34 -12.96 0.53
CA HIS A 123 27.18 -11.58 0.98
C HIS A 123 27.28 -10.65 -0.22
N LEU A 124 26.43 -9.61 -0.25
CA LEU A 124 26.37 -8.74 -1.42
C LEU A 124 27.55 -7.78 -1.47
N PRO A 125 28.36 -7.79 -2.55
CA PRO A 125 29.46 -6.81 -2.70
C PRO A 125 28.94 -5.47 -3.21
N ILE A 126 28.34 -4.76 -2.27
CA ILE A 126 27.63 -3.49 -2.49
C ILE A 126 28.01 -2.54 -1.38
N GLU A 127 28.16 -1.26 -1.70
CA GLU A 127 28.32 -0.24 -0.68
C GLU A 127 27.19 0.77 -0.83
N ILE A 128 26.50 1.04 0.28
CA ILE A 128 25.42 2.04 0.31
C ILE A 128 25.80 3.13 1.28
N LYS A 129 25.75 4.38 0.82
CA LYS A 129 25.94 5.54 1.66
C LYS A 129 24.64 6.32 1.74
N ALA A 130 24.32 6.82 2.92
CA ALA A 130 23.00 7.42 3.14
C ALA A 130 23.08 8.56 4.14
N VAL A 131 22.18 9.53 3.96
CA VAL A 131 21.96 10.57 4.97
C VAL A 131 21.39 9.92 6.23
N PRO A 132 21.69 10.46 7.42
CA PRO A 132 21.20 9.80 8.64
C PRO A 132 19.68 9.77 8.70
N GLU A 133 19.15 8.69 9.24
CA GLU A 133 17.70 8.56 9.31
C GLU A 133 17.13 9.60 10.25
N GLY A 134 15.96 10.12 9.88
CA GLY A 134 15.36 11.21 10.59
C GLY A 134 15.72 12.57 10.03
N PHE A 135 16.82 12.67 9.26
CA PHE A 135 17.18 13.95 8.64
C PHE A 135 16.08 14.44 7.73
N VAL A 136 15.86 15.74 7.76
CA VAL A 136 14.84 16.44 6.99
C VAL A 136 15.58 17.22 5.91
N ILE A 137 15.38 16.82 4.65
CA ILE A 137 16.22 17.24 3.53
C ILE A 137 15.32 17.83 2.46
N PRO A 138 15.63 18.98 1.88
CA PRO A 138 14.80 19.52 0.81
C PRO A 138 14.79 18.61 -0.40
N ARG A 139 13.72 18.75 -1.19
CA ARG A 139 13.56 17.96 -2.40
C ARG A 139 14.74 18.19 -3.34
N GLY A 140 15.03 17.18 -4.14
CA GLY A 140 16.03 17.31 -5.19
C GLY A 140 17.45 17.07 -4.74
N ASN A 141 17.64 16.39 -3.62
CA ASN A 141 18.94 16.09 -3.06
C ASN A 141 19.17 14.59 -2.98
N VAL A 142 20.43 14.20 -3.14
CA VAL A 142 20.78 12.79 -2.95
C VAL A 142 20.51 12.37 -1.52
N LEU A 143 19.78 11.26 -1.36
CA LEU A 143 19.52 10.71 -0.04
C LEU A 143 20.31 9.45 0.23
N PHE A 144 20.55 8.63 -0.79
CA PHE A 144 21.50 7.56 -0.63
C PHE A 144 22.05 7.18 -2.00
N THR A 145 23.21 6.52 -1.98
CA THR A 145 23.88 6.04 -3.18
C THR A 145 24.20 4.56 -3.02
N VAL A 146 24.35 3.87 -4.16
CA VAL A 146 24.58 2.43 -4.21
C VAL A 146 25.65 2.17 -5.27
N GLU A 147 26.64 1.35 -4.93
CA GLU A 147 27.62 0.94 -5.93
C GLU A 147 28.15 -0.45 -5.61
N ASN A 148 28.63 -1.13 -6.65
CA ASN A 148 29.23 -2.44 -6.45
C ASN A 148 30.68 -2.27 -6.03
N THR A 149 31.16 -3.21 -5.21
CA THR A 149 32.52 -3.16 -4.69
C THR A 149 33.43 -4.17 -5.38
N ASP A 150 32.88 -5.00 -6.25
CA ASP A 150 33.62 -5.98 -7.03
C ASP A 150 33.28 -5.74 -8.50
N PRO A 151 34.27 -5.65 -9.39
CA PRO A 151 33.95 -5.34 -10.79
C PRO A 151 33.06 -6.37 -11.46
N GLU A 152 33.08 -7.64 -11.05
CA GLU A 152 32.23 -8.63 -11.69
C GLU A 152 30.75 -8.40 -11.38
N CYS A 153 30.45 -7.60 -10.38
CA CYS A 153 29.08 -7.43 -9.91
C CYS A 153 28.52 -6.07 -10.28
N TYR A 154 28.95 -5.54 -11.43
CA TYR A 154 28.45 -4.27 -11.95
C TYR A 154 26.93 -4.29 -12.10
N TRP A 155 26.35 -5.46 -12.36
CA TRP A 155 24.92 -5.66 -12.55
C TRP A 155 24.13 -5.64 -11.24
N LEU A 156 24.81 -5.74 -10.11
CA LEU A 156 24.10 -5.92 -8.85
C LEU A 156 23.54 -4.61 -8.32
N THR A 157 24.18 -3.48 -8.63
CA THR A 157 23.73 -2.20 -8.13
C THR A 157 22.26 -1.98 -8.43
N ASN A 158 21.86 -2.20 -9.68
CA ASN A 158 20.47 -1.92 -10.03
C ASN A 158 19.58 -3.14 -9.92
N TRP A 159 20.13 -4.35 -9.71
CA TRP A 159 19.31 -5.46 -9.29
C TRP A 159 18.46 -5.10 -8.08
N ILE A 160 19.10 -4.46 -7.10
CA ILE A 160 18.45 -4.17 -5.81
C ILE A 160 17.76 -2.82 -5.82
N GLU A 161 17.59 -2.22 -7.01
CA GLU A 161 16.81 -0.98 -7.09
C GLU A 161 15.40 -1.19 -6.56
N THR A 162 14.75 -2.27 -7.00
CA THR A 162 13.34 -2.48 -6.68
C THR A 162 13.13 -2.53 -5.17
N ILE A 163 13.99 -3.25 -4.45
N ILE A 163 13.96 -3.31 -4.47
CA ILE A 163 13.75 -3.37 -3.02
CA ILE A 163 13.90 -3.42 -3.01
C ILE A 163 14.19 -2.10 -2.27
C ILE A 163 14.12 -2.05 -2.37
N LEU A 164 15.18 -1.36 -2.79
CA LEU A 164 15.57 -0.12 -2.14
C LEU A 164 14.59 1.01 -2.41
N VAL A 165 13.97 1.02 -3.60
CA VAL A 165 13.07 2.12 -3.94
C VAL A 165 11.79 2.04 -3.10
N GLN A 166 11.48 0.88 -2.52
CA GLN A 166 10.34 0.78 -1.62
C GLN A 166 10.54 1.61 -0.35
N SER A 167 11.74 2.13 -0.13
CA SER A 167 11.93 3.14 0.90
C SER A 167 11.06 4.37 0.66
N TRP A 168 10.54 4.56 -0.54
CA TRP A 168 9.62 5.68 -0.79
C TRP A 168 8.49 5.68 0.24
N TYR A 169 8.07 4.50 0.67
CA TYR A 169 6.84 4.44 1.46
C TYR A 169 7.08 4.96 2.87
N PRO A 170 8.03 4.46 3.65
CA PRO A 170 8.29 5.07 4.96
C PRO A 170 8.72 6.52 4.84
N ILE A 171 9.46 6.91 3.81
CA ILE A 171 9.82 8.32 3.64
C ILE A 171 8.54 9.16 3.50
N THR A 172 7.62 8.68 2.65
CA THR A 172 6.43 9.48 2.34
C THR A 172 5.46 9.49 3.51
N VAL A 173 5.30 8.36 4.23
CA VAL A 173 4.44 8.36 5.40
C VAL A 173 5.00 9.32 6.45
N ALA A 174 6.31 9.23 6.71
CA ALA A 174 6.92 10.06 7.74
C ALA A 174 6.82 11.53 7.37
N THR A 175 7.00 11.83 6.09
CA THR A 175 6.95 13.20 5.60
C THR A 175 5.55 13.77 5.68
N ASN A 176 4.55 13.04 5.18
CA ASN A 176 3.18 13.53 5.23
C ASN A 176 2.67 13.63 6.66
N SER A 177 3.06 12.70 7.54
CA SER A 177 2.71 12.81 8.95
C SER A 177 3.33 14.06 9.56
N ARG A 178 4.59 14.36 9.22
CA ARG A 178 5.25 15.54 9.77
C ARG A 178 4.61 16.82 9.23
N GLU A 179 4.16 16.82 7.98
CA GLU A 179 3.45 17.99 7.46
C GLU A 179 2.13 18.21 8.19
N GLN A 180 1.45 17.14 8.60
CA GLN A 180 0.24 17.33 9.41
C GLN A 180 0.57 17.85 10.80
N LYS A 181 1.71 17.40 11.36
CA LYS A 181 2.14 17.93 12.65
C LYS A 181 2.39 19.43 12.58
N LYS A 182 2.93 19.91 11.45
CA LYS A 182 3.18 21.33 11.27
C LYS A 182 1.90 22.13 11.29
N ILE A 183 0.86 21.62 10.62
CA ILE A 183 -0.45 22.27 10.64
C ILE A 183 -1.00 22.29 12.07
N LEU A 184 -0.97 21.14 12.75
CA LEU A 184 -1.51 21.05 14.09
C LEU A 184 -0.75 21.98 15.03
N ALA A 185 0.57 22.04 14.87
CA ALA A 185 1.38 22.89 15.74
C ALA A 185 1.05 24.36 15.54
N LYS A 186 0.90 24.78 14.28
CA LYS A 186 0.59 26.18 14.01
C LYS A 186 -0.74 26.57 14.65
N TYR A 187 -1.78 25.76 14.47
CA TYR A 187 -3.09 26.11 15.00
C TYR A 187 -3.19 25.90 16.51
N LEU A 188 -2.50 24.90 17.08
CA LEU A 188 -2.48 24.77 18.53
C LEU A 188 -1.80 25.97 19.16
N LEU A 189 -0.68 26.41 18.57
CA LEU A 189 0.01 27.56 19.13
C LEU A 189 -0.85 28.82 19.03
N GLU A 190 -1.52 29.03 17.90
N GLU A 190 -1.46 29.05 17.89
CA GLU A 190 -2.31 30.24 17.71
CA GLU A 190 -2.31 30.23 17.73
C GLU A 190 -3.56 30.28 18.59
C GLU A 190 -3.42 30.23 18.77
N THR A 191 -4.16 29.13 18.87
CA THR A 191 -5.39 29.11 19.66
C THR A 191 -5.18 28.82 21.15
N SER A 192 -4.00 28.39 21.57
CA SER A 192 -3.75 28.05 22.99
C SER A 192 -2.47 28.64 23.55
N GLY A 193 -1.53 29.04 22.71
CA GLY A 193 -0.27 29.58 23.17
C GLY A 193 0.84 28.59 23.48
N ASN A 194 0.61 27.29 23.33
CA ASN A 194 1.65 26.29 23.56
C ASN A 194 1.35 25.04 22.71
N LEU A 195 2.22 24.04 22.83
CA LEU A 195 2.14 22.82 22.05
C LEU A 195 1.84 21.59 22.90
N ASP A 196 1.30 21.79 24.09
CA ASP A 196 1.01 20.65 24.96
C ASP A 196 0.08 19.67 24.27
N GLY A 197 0.46 18.39 24.28
CA GLY A 197 -0.37 17.34 23.75
C GLY A 197 -0.25 17.15 22.25
N LEU A 198 0.58 17.97 21.59
CA LEU A 198 0.73 17.87 20.14
C LEU A 198 1.02 16.45 19.69
N GLU A 199 1.86 15.71 20.42
CA GLU A 199 2.30 14.40 20.00
C GLU A 199 1.19 13.35 20.02
N TYR A 200 0.04 13.69 20.56
CA TYR A 200 -1.10 12.79 20.64
C TYR A 200 -2.26 13.27 19.79
N LYS A 201 -2.06 14.31 18.98
CA LYS A 201 -3.16 14.92 18.25
C LYS A 201 -3.51 14.23 16.95
N LEU A 202 -2.67 13.35 16.44
CA LEU A 202 -2.93 12.59 15.21
C LEU A 202 -2.63 11.12 15.49
N HIS A 203 -3.70 10.35 15.64
CA HIS A 203 -3.67 8.95 16.00
C HIS A 203 -3.80 8.08 14.75
N ASP A 204 -2.96 7.06 14.64
CA ASP A 204 -2.98 6.10 13.53
C ASP A 204 -4.11 5.09 13.71
N PHE A 205 -5.11 5.18 12.83
CA PHE A 205 -6.25 4.27 12.72
C PHE A 205 -6.13 3.35 11.51
N GLY A 206 -4.99 3.29 10.85
CA GLY A 206 -4.88 2.71 9.52
C GLY A 206 -4.60 1.24 9.37
N TYR A 207 -4.61 0.44 10.45
CA TYR A 207 -4.20 -0.96 10.31
C TYR A 207 -5.06 -1.71 9.27
N ARG A 208 -6.39 -1.56 9.34
CA ARG A 208 -7.25 -2.33 8.44
C ARG A 208 -7.26 -1.77 7.02
N GLY A 209 -6.80 -0.53 6.85
CA GLY A 209 -6.88 0.23 5.63
C GLY A 209 -5.63 0.20 4.80
N VAL A 210 -4.58 -0.52 5.21
CA VAL A 210 -3.41 -0.69 4.37
C VAL A 210 -3.47 -2.04 3.67
N SER A 211 -2.51 -2.26 2.78
CA SER A 211 -2.56 -3.37 1.84
C SER A 211 -1.99 -4.67 2.38
N SER A 212 -1.30 -4.65 3.51
CA SER A 212 -0.69 -5.89 4.04
C SER A 212 -0.25 -5.69 5.48
N GLN A 213 -0.01 -6.82 6.16
CA GLN A 213 0.56 -6.76 7.50
C GLN A 213 1.93 -6.09 7.49
N GLU A 214 2.78 -6.40 6.49
CA GLU A 214 4.11 -5.81 6.46
C GLU A 214 4.01 -4.30 6.27
N THR A 215 3.15 -3.86 5.37
CA THR A 215 2.96 -2.43 5.18
C THR A 215 2.47 -1.76 6.46
N ALA A 216 1.56 -2.41 7.21
CA ALA A 216 1.07 -1.84 8.46
C ALA A 216 2.21 -1.50 9.41
N GLY A 217 3.14 -2.45 9.61
CA GLY A 217 4.26 -2.21 10.50
C GLY A 217 5.15 -1.07 10.01
N ILE A 218 5.48 -1.08 8.72
CA ILE A 218 6.37 -0.04 8.19
C ILE A 218 5.72 1.32 8.30
N GLY A 219 4.46 1.42 7.84
CA GLY A 219 3.77 2.69 7.86
C GLY A 219 3.53 3.21 9.26
N ALA A 220 3.07 2.33 10.16
CA ALA A 220 2.87 2.77 11.55
C ALA A 220 4.16 3.28 12.18
N SER A 221 5.29 2.62 11.90
CA SER A 221 6.56 3.07 12.46
C SER A 221 6.93 4.44 11.94
N ALA A 222 6.63 4.71 10.65
CA ALA A 222 6.95 6.00 10.07
C ALA A 222 6.13 7.12 10.71
N HIS A 223 4.86 6.87 11.00
CA HIS A 223 4.05 7.85 11.70
C HIS A 223 4.59 8.13 13.09
N LEU A 224 5.10 7.10 13.77
CA LEU A 224 5.63 7.26 15.12
C LEU A 224 6.93 8.06 15.15
N VAL A 225 7.52 8.37 14.00
CA VAL A 225 8.63 9.31 13.98
C VAL A 225 8.17 10.66 14.51
N ASN A 226 6.89 10.99 14.31
CA ASN A 226 6.36 12.32 14.58
C ASN A 226 5.36 12.36 15.72
N PHE A 227 4.69 11.25 15.99
CA PHE A 227 3.62 11.20 16.98
C PHE A 227 3.80 9.99 17.88
N LYS A 228 3.01 9.95 18.94
CA LYS A 228 3.06 8.87 19.91
C LYS A 228 1.78 8.07 20.01
N GLY A 229 0.71 8.44 19.30
CA GLY A 229 -0.56 7.75 19.39
C GLY A 229 -0.80 6.83 18.21
N THR A 230 -1.05 5.56 18.50
CA THR A 230 -1.27 4.59 17.42
C THR A 230 -2.14 3.44 17.91
N ASP A 231 -3.02 2.97 17.03
CA ASP A 231 -3.70 1.68 17.18
C ASP A 231 -3.13 0.62 16.25
N THR A 232 -2.14 0.97 15.44
CA THR A 232 -1.53 -0.01 14.54
C THR A 232 -0.38 -0.67 15.27
N VAL A 233 -0.74 -1.71 16.02
CA VAL A 233 0.18 -2.41 16.92
C VAL A 233 1.43 -2.91 16.20
N ALA A 234 1.29 -3.31 14.93
CA ALA A 234 2.41 -3.80 14.16
C ALA A 234 3.62 -2.87 14.17
N GLY A 235 3.42 -1.57 14.27
CA GLY A 235 4.55 -0.66 14.27
C GLY A 235 5.48 -0.85 15.46
N LEU A 236 4.92 -1.27 16.60
CA LEU A 236 5.73 -1.40 17.82
C LEU A 236 6.83 -2.46 17.65
N ALA A 237 6.45 -3.63 17.15
CA ALA A 237 7.40 -4.73 17.00
C ALA A 237 8.48 -4.39 16.00
N LEU A 238 8.10 -3.70 14.92
CA LEU A 238 9.11 -3.29 13.93
C LEU A 238 10.14 -2.38 14.57
N ILE A 239 9.70 -1.38 15.33
CA ILE A 239 10.65 -0.43 15.89
C ILE A 239 11.57 -1.13 16.89
N LYS A 240 10.99 -2.02 17.70
CA LYS A 240 11.80 -2.73 18.70
C LYS A 240 12.88 -3.58 18.05
N LYS A 241 12.54 -4.29 16.97
CA LYS A 241 13.49 -5.20 16.36
C LYS A 241 14.55 -4.48 15.54
N TYR A 242 14.17 -3.41 14.83
CA TYR A 242 15.07 -2.83 13.83
C TYR A 242 15.68 -1.50 14.20
N TYR A 243 15.13 -0.79 15.20
CA TYR A 243 15.63 0.54 15.54
C TYR A 243 15.93 0.69 17.03
N GLY A 244 14.94 0.41 17.87
CA GLY A 244 15.08 0.49 19.31
C GLY A 244 14.73 1.82 19.96
N THR A 245 14.09 1.76 21.14
CA THR A 245 13.83 2.94 21.95
C THR A 245 14.26 2.69 23.39
N LYS A 246 14.63 3.77 24.06
CA LYS A 246 14.90 3.69 25.49
C LYS A 246 13.63 3.35 26.27
N ASP A 247 12.50 3.96 25.90
CA ASP A 247 11.24 3.61 26.55
C ASP A 247 10.78 2.21 26.15
N PRO A 248 9.97 1.55 26.99
CA PRO A 248 9.50 0.21 26.63
C PRO A 248 8.84 0.15 25.26
N VAL A 249 7.96 1.10 24.95
CA VAL A 249 7.28 1.09 23.65
C VAL A 249 7.31 2.49 23.04
N PRO A 250 7.31 2.59 21.71
CA PRO A 250 7.31 3.91 21.06
C PRO A 250 5.94 4.58 20.94
N GLY A 251 4.85 3.86 21.17
CA GLY A 251 3.54 4.45 20.95
C GLY A 251 2.52 3.84 21.88
N TYR A 252 1.42 4.58 22.05
CA TYR A 252 0.47 4.34 23.12
C TYR A 252 -0.95 4.45 22.60
N SER A 253 -1.89 3.79 23.29
CA SER A 253 -3.29 3.95 22.96
C SER A 253 -4.15 4.00 24.22
N VAL A 254 -5.45 4.18 24.00
CA VAL A 254 -6.43 4.23 25.08
C VAL A 254 -7.63 3.37 24.72
N PRO A 255 -8.41 2.94 25.72
CA PRO A 255 -9.63 2.19 25.41
C PRO A 255 -10.57 3.01 24.54
N ALA A 256 -11.24 2.33 23.62
CA ALA A 256 -12.13 3.04 22.71
C ALA A 256 -13.17 2.05 22.22
N ALA A 257 -14.38 2.54 22.03
CA ALA A 257 -15.46 1.72 21.49
C ALA A 257 -15.40 1.70 19.96
N GLU A 258 -16.05 0.70 19.38
CA GLU A 258 -16.35 0.64 17.95
C GLU A 258 -17.87 0.47 17.79
N HIS A 259 -18.35 0.56 16.56
CA HIS A 259 -19.80 0.42 16.38
C HIS A 259 -20.31 -0.92 16.88
N SER A 260 -19.54 -2.00 16.78
CA SER A 260 -20.05 -3.30 17.23
C SER A 260 -20.33 -3.30 18.73
N THR A 261 -19.48 -2.65 19.52
CA THR A 261 -19.68 -2.70 20.97
C THR A 261 -20.77 -1.74 21.44
N ILE A 262 -21.20 -0.79 20.61
CA ILE A 262 -22.39 0.00 20.90
C ILE A 262 -23.65 -0.70 20.36
N THR A 263 -23.63 -1.05 19.07
CA THR A 263 -24.84 -1.55 18.43
C THR A 263 -25.23 -2.93 18.94
N ALA A 264 -24.31 -3.68 19.53
CA ALA A 264 -24.66 -4.98 20.07
C ALA A 264 -25.70 -4.89 21.18
N TRP A 265 -25.82 -3.73 21.85
CA TRP A 265 -26.79 -3.54 22.92
C TRP A 265 -28.21 -3.37 22.40
N GLY A 266 -28.38 -3.22 21.10
CA GLY A 266 -29.66 -2.91 20.49
C GLY A 266 -29.90 -1.43 20.40
N LYS A 267 -30.67 -1.04 19.39
CA LYS A 267 -30.79 0.39 19.11
C LYS A 267 -31.41 1.16 20.29
N ASP A 268 -32.38 0.55 20.98
CA ASP A 268 -33.01 1.28 22.09
C ASP A 268 -32.14 1.38 23.33
N HIS A 269 -30.94 0.79 23.32
CA HIS A 269 -30.13 0.69 24.51
C HIS A 269 -28.75 1.34 24.33
N GLU A 270 -28.67 2.33 23.43
CA GLU A 270 -27.40 3.03 23.23
C GLU A 270 -26.93 3.65 24.53
N LYS A 271 -27.85 4.25 25.30
CA LYS A 271 -27.47 4.85 26.57
C LYS A 271 -26.86 3.82 27.52
N ASP A 272 -27.43 2.61 27.55
CA ASP A 272 -26.88 1.56 28.40
C ASP A 272 -25.48 1.19 27.96
N ALA A 273 -25.24 1.18 26.66
CA ALA A 273 -23.90 0.86 26.18
C ALA A 273 -22.92 1.92 26.64
N PHE A 274 -23.24 3.18 26.37
CA PHE A 274 -22.39 4.30 26.82
C PHE A 274 -22.12 4.20 28.32
N GLU A 275 -23.17 3.98 29.13
CA GLU A 275 -22.99 3.95 30.57
C GLU A 275 -22.05 2.83 30.97
N HIS A 276 -22.22 1.65 30.39
CA HIS A 276 -21.39 0.50 30.70
C HIS A 276 -19.93 0.78 30.37
N ILE A 277 -19.68 1.34 29.20
CA ILE A 277 -18.31 1.52 28.73
C ILE A 277 -17.58 2.56 29.56
N VAL A 278 -18.21 3.70 29.85
CA VAL A 278 -17.47 4.73 30.60
C VAL A 278 -17.28 4.28 32.03
N THR A 279 -18.12 3.37 32.54
CA THR A 279 -17.97 2.87 33.89
C THR A 279 -16.89 1.80 33.98
N GLN A 280 -16.78 0.95 32.95
CA GLN A 280 -15.67 0.01 32.87
C GLN A 280 -14.33 0.72 32.81
N PHE A 281 -14.28 1.88 32.15
CA PHE A 281 -13.02 2.60 31.97
C PHE A 281 -13.14 3.95 32.65
N SER A 282 -13.43 3.91 33.97
CA SER A 282 -13.73 5.15 34.70
C SER A 282 -12.48 5.95 35.06
N SER A 283 -11.30 5.33 35.07
CA SER A 283 -10.10 6.01 35.55
C SER A 283 -9.02 6.15 34.50
N VAL A 284 -9.33 5.85 33.23
CA VAL A 284 -8.43 6.11 32.10
C VAL A 284 -9.22 6.88 31.05
N PRO A 285 -8.54 7.55 30.12
CA PRO A 285 -9.27 8.15 28.99
C PRO A 285 -10.04 7.05 28.26
N VAL A 286 -11.22 7.40 27.76
CA VAL A 286 -12.01 6.45 26.99
C VAL A 286 -12.69 7.19 25.85
N SER A 287 -12.51 6.67 24.65
CA SER A 287 -13.14 7.21 23.46
C SER A 287 -14.39 6.39 23.18
N VAL A 288 -15.51 7.07 22.90
CA VAL A 288 -16.77 6.39 22.66
C VAL A 288 -17.39 6.92 21.37
N VAL A 289 -17.45 6.05 20.36
CA VAL A 289 -18.06 6.44 19.09
C VAL A 289 -19.56 6.67 19.31
N SER A 290 -20.05 7.81 18.84
CA SER A 290 -21.35 8.31 19.30
C SER A 290 -22.34 8.54 18.17
N ASP A 291 -22.03 8.08 16.95
CA ASP A 291 -22.83 8.38 15.78
C ASP A 291 -23.56 7.15 15.24
N SER A 292 -23.64 6.05 16.02
CA SER A 292 -24.29 4.83 15.51
C SER A 292 -25.66 5.12 14.92
N TYR A 293 -26.43 5.99 15.58
CA TYR A 293 -27.78 6.30 15.15
C TYR A 293 -28.01 7.77 14.93
N ASP A 294 -27.58 8.63 15.87
CA ASP A 294 -27.82 10.06 15.75
C ASP A 294 -26.82 10.75 16.68
N ILE A 295 -25.70 11.17 16.08
CA ILE A 295 -24.61 11.80 16.82
C ILE A 295 -25.11 13.01 17.61
N TYR A 296 -26.01 13.78 17.02
CA TYR A 296 -26.40 15.05 17.67
C TYR A 296 -27.29 14.77 18.86
N ASN A 297 -28.18 13.78 18.75
CA ASN A 297 -28.95 13.31 19.90
C ASN A 297 -28.04 12.74 20.97
N ALA A 298 -27.04 11.94 20.57
CA ALA A 298 -26.13 11.36 21.56
C ALA A 298 -25.43 12.45 22.37
N CYS A 299 -24.98 13.51 21.70
CA CYS A 299 -24.26 14.57 22.41
C CYS A 299 -25.20 15.38 23.27
N GLU A 300 -26.36 15.75 22.76
CA GLU A 300 -27.21 16.71 23.47
C GLU A 300 -28.04 16.05 24.56
N LYS A 301 -28.58 14.87 24.27
CA LYS A 301 -29.51 14.18 25.17
C LYS A 301 -28.85 13.07 25.97
N ILE A 302 -27.99 12.24 25.39
CA ILE A 302 -27.45 11.12 26.16
C ILE A 302 -26.27 11.57 27.00
N TRP A 303 -25.22 12.09 26.35
CA TRP A 303 -24.09 12.58 27.13
C TRP A 303 -24.45 13.86 27.87
N GLY A 304 -25.22 14.72 27.22
CA GLY A 304 -25.46 16.06 27.72
C GLY A 304 -26.52 16.15 28.79
N GLU A 305 -27.28 15.08 29.00
CA GLU A 305 -28.34 15.08 30.01
C GLU A 305 -28.39 13.77 30.76
N ASP A 306 -28.77 12.68 30.09
CA ASP A 306 -29.01 11.41 30.80
C ASP A 306 -27.77 10.94 31.55
N LEU A 307 -26.58 11.04 30.94
CA LEU A 307 -25.35 10.50 31.51
C LEU A 307 -24.37 11.59 31.91
N ARG A 308 -24.82 12.85 31.89
CA ARG A 308 -23.95 13.97 32.24
C ARG A 308 -23.26 13.77 33.58
N HIS A 309 -23.96 13.18 34.56
CA HIS A 309 -23.40 13.01 35.89
C HIS A 309 -22.20 12.07 35.90
N LEU A 310 -22.07 11.19 34.90
CA LEU A 310 -20.94 10.29 34.77
C LEU A 310 -19.76 10.94 34.05
N ILE A 311 -19.97 12.08 33.40
CA ILE A 311 -18.93 12.79 32.69
C ILE A 311 -18.28 13.86 33.55
N VAL A 312 -19.10 14.69 34.20
CA VAL A 312 -18.54 15.83 34.96
C VAL A 312 -17.77 15.39 36.19
N SER A 313 -17.85 14.12 36.55
CA SER A 313 -17.12 13.52 37.65
C SER A 313 -15.75 12.98 37.27
N ARG A 314 -15.42 12.93 35.97
CA ARG A 314 -14.19 12.30 35.57
C ARG A 314 -12.98 13.19 35.79
N SER A 315 -11.83 12.54 35.91
CA SER A 315 -10.54 13.21 36.07
C SER A 315 -10.07 13.87 34.77
N THR A 316 -9.26 14.91 34.95
CA THR A 316 -8.55 15.52 33.84
C THR A 316 -7.62 14.53 33.13
N GLN A 317 -7.13 13.52 33.85
CA GLN A 317 -6.28 12.50 33.24
C GLN A 317 -7.09 11.36 32.64
N ALA A 318 -8.41 11.42 32.71
CA ALA A 318 -9.27 10.35 32.22
C ALA A 318 -10.55 10.93 31.63
N PRO A 319 -10.42 11.78 30.62
CA PRO A 319 -11.62 12.37 30.01
C PRO A 319 -12.41 11.34 29.24
N LEU A 320 -13.69 11.65 29.04
CA LEU A 320 -14.45 11.10 27.94
C LEU A 320 -14.06 11.78 26.63
N ILE A 321 -13.80 11.00 25.60
CA ILE A 321 -13.49 11.50 24.27
C ILE A 321 -14.63 11.06 23.37
N ILE A 322 -15.47 12.01 22.95
CA ILE A 322 -16.59 11.69 22.07
C ILE A 322 -16.08 11.60 20.64
N ARG A 323 -16.47 10.53 19.94
CA ARG A 323 -15.99 10.30 18.59
C ARG A 323 -17.15 10.29 17.60
N PRO A 324 -17.37 11.38 16.87
CA PRO A 324 -18.22 11.31 15.68
C PRO A 324 -17.49 10.49 14.63
N ASP A 325 -18.26 9.95 13.67
CA ASP A 325 -17.62 9.11 12.67
C ASP A 325 -18.35 9.12 11.33
N SER A 326 -19.09 10.18 11.03
CA SER A 326 -19.86 10.25 9.80
C SER A 326 -20.29 11.69 9.60
N GLY A 327 -20.71 11.98 8.37
CA GLY A 327 -21.10 13.31 7.97
C GLY A 327 -19.93 14.13 7.46
N ASN A 328 -20.24 15.32 7.01
CA ASN A 328 -19.19 16.23 6.58
C ASN A 328 -18.27 16.48 7.76
N PRO A 329 -16.95 16.25 7.63
CA PRO A 329 -16.07 16.32 8.82
C PRO A 329 -16.04 17.67 9.53
N LEU A 330 -15.87 18.78 8.80
CA LEU A 330 -15.89 20.08 9.47
C LEU A 330 -17.27 20.39 10.04
N ASP A 331 -18.33 20.25 9.24
CA ASP A 331 -19.66 20.61 9.74
C ASP A 331 -20.01 19.79 10.98
N THR A 332 -19.67 18.50 10.97
CA THR A 332 -19.98 17.67 12.13
C THR A 332 -19.19 18.09 13.37
N VAL A 333 -17.87 18.30 13.23
CA VAL A 333 -17.09 18.74 14.39
C VAL A 333 -17.66 20.03 14.95
N LEU A 334 -18.02 20.99 14.09
CA LEU A 334 -18.49 22.26 14.60
C LEU A 334 -19.83 22.12 15.31
N LYS A 335 -20.72 21.27 14.79
CA LYS A 335 -22.02 21.11 15.41
C LYS A 335 -21.91 20.34 16.72
N VAL A 336 -21.03 19.33 16.76
CA VAL A 336 -20.77 18.62 18.01
C VAL A 336 -20.24 19.57 19.07
N LEU A 337 -19.26 20.40 18.71
CA LEU A 337 -18.74 21.36 19.68
C LEU A 337 -19.81 22.35 20.14
N GLU A 338 -20.63 22.84 19.21
CA GLU A 338 -21.70 23.77 19.60
C GLU A 338 -22.66 23.12 20.59
N ILE A 339 -23.04 21.87 20.35
CA ILE A 339 -23.93 21.15 21.25
C ILE A 339 -23.28 21.00 22.63
N LEU A 340 -22.04 20.51 22.65
CA LEU A 340 -21.37 20.27 23.91
C LEU A 340 -21.16 21.57 24.69
N GLY A 341 -20.85 22.67 24.00
CA GLY A 341 -20.63 23.93 24.69
C GLY A 341 -21.90 24.49 25.30
N LYS A 342 -23.05 24.05 24.83
CA LYS A 342 -24.32 24.46 25.44
C LYS A 342 -24.74 23.55 26.60
N LYS A 343 -24.19 22.35 26.70
CA LYS A 343 -24.53 21.43 27.78
C LYS A 343 -23.46 21.34 28.87
N PHE A 344 -22.25 21.81 28.61
CA PHE A 344 -21.13 21.70 29.52
C PHE A 344 -20.50 23.07 29.73
N PRO A 345 -19.82 23.28 30.85
CA PRO A 345 -19.26 24.61 31.13
C PRO A 345 -18.03 24.91 30.29
N VAL A 346 -18.15 25.82 29.37
CA VAL A 346 -17.05 26.22 28.50
C VAL A 346 -16.34 27.41 29.12
N THR A 347 -15.02 27.43 29.02
CA THR A 347 -14.21 28.57 29.41
C THR A 347 -13.63 29.25 28.17
N GLU A 348 -13.02 30.40 28.38
CA GLU A 348 -12.28 31.09 27.33
C GLU A 348 -10.84 31.16 27.77
N ASN A 349 -9.93 30.60 26.97
CA ASN A 349 -8.54 30.57 27.39
C ASN A 349 -7.88 31.93 27.16
N SER A 350 -6.59 32.00 27.48
CA SER A 350 -5.92 33.30 27.47
C SER A 350 -5.77 33.88 26.08
N LYS A 351 -5.98 33.09 25.03
CA LYS A 351 -5.91 33.60 23.67
C LYS A 351 -7.28 34.00 23.14
N GLY A 352 -8.33 33.81 23.93
CA GLY A 352 -9.66 34.16 23.50
C GLY A 352 -10.45 33.02 22.89
N TYR A 353 -9.95 31.79 22.95
CA TYR A 353 -10.62 30.66 22.32
C TYR A 353 -11.35 29.81 23.35
N LYS A 354 -12.47 29.24 22.90
CA LYS A 354 -13.32 28.44 23.76
C LYS A 354 -12.72 27.07 24.02
N LEU A 355 -12.91 26.61 25.26
CA LEU A 355 -12.32 25.38 25.76
C LEU A 355 -13.34 24.60 26.57
N LEU A 356 -13.58 23.36 26.15
CA LEU A 356 -14.43 22.45 26.89
C LEU A 356 -13.81 22.15 28.25
N PRO A 357 -14.61 21.66 29.20
CA PRO A 357 -14.04 21.23 30.47
C PRO A 357 -13.03 20.12 30.26
N PRO A 358 -12.08 19.98 31.19
CA PRO A 358 -10.96 19.05 30.96
C PRO A 358 -11.36 17.57 30.94
N TYR A 359 -12.54 17.22 31.42
CA TYR A 359 -12.99 15.85 31.43
C TYR A 359 -13.69 15.47 30.13
N LEU A 360 -13.68 16.35 29.12
CA LEU A 360 -14.46 16.17 27.90
C LEU A 360 -13.66 16.66 26.69
N ARG A 361 -13.47 15.76 25.71
CA ARG A 361 -12.74 16.08 24.49
C ARG A 361 -13.45 15.41 23.32
N VAL A 362 -12.98 15.69 22.10
CA VAL A 362 -13.55 15.17 20.87
C VAL A 362 -12.43 14.62 20.01
N ILE A 363 -12.68 13.50 19.32
CA ILE A 363 -11.75 12.99 18.32
C ILE A 363 -12.52 12.79 17.03
N GLN A 364 -12.01 13.37 15.93
CA GLN A 364 -12.58 13.14 14.61
C GLN A 364 -11.71 12.12 13.89
N GLY A 365 -12.29 10.97 13.55
CA GLY A 365 -11.55 9.88 12.94
C GLY A 365 -12.06 9.42 11.60
N ASP A 366 -13.00 10.15 11.03
CA ASP A 366 -13.63 9.81 9.75
C ASP A 366 -13.22 10.86 8.71
N GLY A 367 -12.71 10.39 7.58
CA GLY A 367 -12.44 11.27 6.46
C GLY A 367 -11.26 12.18 6.65
N VAL A 368 -10.31 11.80 7.49
CA VAL A 368 -9.17 12.65 7.82
C VAL A 368 -7.99 12.35 6.90
N ASP A 369 -7.54 13.38 6.18
CA ASP A 369 -6.26 13.39 5.49
C ASP A 369 -5.68 14.79 5.66
N ILE A 370 -4.52 15.05 5.05
CA ILE A 370 -3.86 16.33 5.33
C ILE A 370 -4.72 17.51 4.90
N ASN A 371 -5.53 17.34 3.84
CA ASN A 371 -6.39 18.44 3.38
C ASN A 371 -7.56 18.67 4.33
N THR A 372 -8.24 17.61 4.76
CA THR A 372 -9.39 17.85 5.63
C THR A 372 -8.96 18.23 7.05
N LEU A 373 -7.78 17.79 7.49
CA LEU A 373 -7.27 18.21 8.79
C LEU A 373 -7.11 19.72 8.81
N GLN A 374 -6.50 20.26 7.76
CA GLN A 374 -6.35 21.71 7.61
C GLN A 374 -7.71 22.40 7.59
N GLU A 375 -8.68 21.86 6.84
CA GLU A 375 -10.00 22.49 6.78
CA GLU A 375 -10.01 22.47 6.77
C GLU A 375 -10.66 22.52 8.16
N ILE A 376 -10.51 21.45 8.94
CA ILE A 376 -11.18 21.39 10.23
C ILE A 376 -10.55 22.38 11.20
N VAL A 377 -9.21 22.40 11.30
CA VAL A 377 -8.62 23.29 12.33
C VAL A 377 -8.84 24.75 11.95
N GLU A 378 -8.84 25.08 10.65
CA GLU A 378 -9.14 26.44 10.23
C GLU A 378 -10.60 26.79 10.54
N GLY A 379 -11.53 25.85 10.31
CA GLY A 379 -12.92 26.11 10.62
C GLY A 379 -13.16 26.30 12.09
N MET A 380 -12.46 25.50 12.92
CA MET A 380 -12.55 25.66 14.37
C MET A 380 -12.04 27.02 14.79
N LYS A 381 -10.89 27.41 14.25
CA LYS A 381 -10.33 28.71 14.60
C LYS A 381 -11.30 29.83 14.25
N GLN A 382 -11.93 29.75 13.07
CA GLN A 382 -12.83 30.83 12.69
C GLN A 382 -14.05 30.89 13.59
N LYS A 383 -14.45 29.77 14.19
CA LYS A 383 -15.57 29.76 15.13
C LYS A 383 -15.11 29.89 16.59
N MET A 384 -13.84 30.24 16.80
CA MET A 384 -13.27 30.57 18.10
C MET A 384 -13.20 29.37 19.03
N TRP A 385 -13.00 28.18 18.48
CA TRP A 385 -12.75 26.98 19.29
C TRP A 385 -11.26 26.69 19.33
N SER A 386 -10.75 26.42 20.52
CA SER A 386 -9.35 26.03 20.64
C SER A 386 -9.11 24.65 20.04
N ILE A 387 -7.93 24.47 19.44
CA ILE A 387 -7.52 23.14 18.97
C ILE A 387 -7.21 22.22 20.14
N GLU A 388 -7.11 22.75 21.37
CA GLU A 388 -7.01 21.90 22.55
C GLU A 388 -8.18 20.93 22.65
N ASN A 389 -9.33 21.30 22.11
CA ASN A 389 -10.54 20.50 22.27
C ASN A 389 -10.56 19.24 21.43
N ILE A 390 -9.72 19.14 20.40
CA ILE A 390 -9.90 18.14 19.35
C ILE A 390 -8.62 17.35 19.15
N ALA A 391 -8.78 16.10 18.75
CA ALA A 391 -7.70 15.28 18.25
C ALA A 391 -8.25 14.58 17.01
N PHE A 392 -7.34 13.98 16.27
CA PHE A 392 -7.69 13.37 15.00
C PHE A 392 -7.21 11.94 14.95
N GLY A 393 -7.99 11.11 14.29
CA GLY A 393 -7.56 9.77 13.89
C GLY A 393 -7.61 9.68 12.37
N SER A 394 -6.64 9.00 11.79
CA SER A 394 -6.54 8.92 10.34
C SER A 394 -6.05 7.53 10.01
N GLY A 395 -6.71 6.92 9.02
CA GLY A 395 -6.37 5.59 8.58
C GLY A 395 -5.75 5.62 7.20
N GLY A 396 -6.59 5.51 6.17
CA GLY A 396 -6.06 5.46 4.81
C GLY A 396 -5.34 6.74 4.43
N GLY A 397 -5.83 7.89 4.90
CA GLY A 397 -5.16 9.13 4.58
C GLY A 397 -3.74 9.17 5.08
N LEU A 398 -3.47 8.51 6.19
CA LEU A 398 -2.17 8.48 6.85
C LEU A 398 -1.23 7.43 6.26
N LEU A 399 -1.75 6.22 5.97
CA LEU A 399 -0.90 5.10 5.65
C LEU A 399 -1.12 4.48 4.28
N GLN A 400 -2.22 4.79 3.58
CA GLN A 400 -2.46 4.11 2.31
C GLN A 400 -2.60 5.03 1.11
N LYS A 401 -3.16 6.22 1.31
CA LYS A 401 -3.48 7.16 0.23
C LYS A 401 -2.23 8.01 -0.11
N LEU A 402 -1.19 7.29 -0.53
CA LEU A 402 0.14 7.82 -0.80
C LEU A 402 0.75 6.97 -1.90
N THR A 403 1.52 7.59 -2.78
CA THR A 403 2.20 6.88 -3.87
C THR A 403 3.60 7.45 -4.03
N ARG A 404 4.40 6.69 -4.80
CA ARG A 404 5.79 7.04 -5.01
C ARG A 404 5.91 8.35 -5.74
N ASP A 405 4.84 8.77 -6.42
CA ASP A 405 4.85 9.98 -7.21
C ASP A 405 4.61 11.25 -6.38
N LEU A 406 4.15 11.12 -5.15
CA LEU A 406 3.89 12.30 -4.33
C LEU A 406 5.15 13.12 -4.11
N LEU A 407 6.26 12.46 -3.78
CA LEU A 407 7.58 13.09 -3.63
C LEU A 407 8.51 12.79 -4.79
N ASN A 408 8.01 12.19 -5.87
CA ASN A 408 8.81 11.88 -7.06
C ASN A 408 10.07 11.11 -6.70
N CYS A 409 9.88 10.05 -5.92
CA CYS A 409 10.98 9.21 -5.46
C CYS A 409 11.52 8.38 -6.63
N SER A 410 12.83 8.46 -6.86
CA SER A 410 13.41 7.98 -8.10
C SER A 410 14.84 7.51 -7.85
N PHE A 411 15.23 6.43 -8.52
CA PHE A 411 16.55 5.82 -8.39
C PHE A 411 17.14 5.74 -9.80
N LYS A 412 18.33 6.31 -9.99
CA LYS A 412 18.93 6.40 -11.32
C LYS A 412 20.44 6.17 -11.23
N CYS A 413 20.98 5.61 -12.31
CA CYS A 413 22.43 5.50 -12.47
C CYS A 413 23.02 6.85 -12.85
N SER A 414 24.07 7.27 -12.13
CA SER A 414 24.71 8.54 -12.43
C SER A 414 26.18 8.41 -12.84
N TYR A 415 26.78 7.24 -12.67
CA TYR A 415 28.21 7.09 -12.92
C TYR A 415 28.50 5.64 -13.23
N VAL A 416 29.32 5.39 -14.25
CA VAL A 416 29.79 4.05 -14.58
C VAL A 416 31.27 4.14 -14.91
N VAL A 417 31.95 3.02 -14.73
CA VAL A 417 33.34 2.87 -15.20
C VAL A 417 33.34 1.81 -16.28
N THR A 418 33.79 2.18 -17.47
CA THR A 418 33.85 1.28 -18.62
C THR A 418 35.24 1.43 -19.22
N ASN A 419 35.90 0.29 -19.45
CA ASN A 419 37.29 0.31 -19.93
C ASN A 419 38.19 1.17 -19.05
N GLY A 420 37.95 1.10 -17.73
CA GLY A 420 38.75 1.80 -16.73
C GLY A 420 38.55 3.30 -16.65
N LEU A 421 37.63 3.86 -17.44
CA LEU A 421 37.34 5.30 -17.40
C LEU A 421 35.96 5.55 -16.79
N GLY A 422 35.89 6.45 -15.82
CA GLY A 422 34.59 6.83 -15.29
C GLY A 422 33.92 7.80 -16.23
N ILE A 423 32.61 7.61 -16.44
CA ILE A 423 31.83 8.54 -17.24
C ILE A 423 30.59 8.92 -16.46
N ASN A 424 30.19 10.18 -16.60
CA ASN A 424 29.03 10.71 -15.89
C ASN A 424 27.81 10.50 -16.77
N VAL A 425 26.81 9.80 -16.26
CA VAL A 425 25.67 9.39 -17.06
C VAL A 425 24.39 9.92 -16.44
N PHE A 426 23.35 10.02 -17.27
CA PHE A 426 22.13 10.70 -16.87
C PHE A 426 21.10 10.49 -17.95
N LYS A 427 19.84 10.73 -17.58
CA LYS A 427 18.76 10.84 -18.55
C LYS A 427 18.31 12.29 -18.59
N ASP A 428 17.74 12.69 -19.73
CA ASP A 428 17.27 14.06 -19.91
C ASP A 428 16.17 14.08 -20.98
N PRO A 429 15.00 13.51 -20.68
CA PRO A 429 13.97 13.36 -21.72
C PRO A 429 13.51 14.71 -22.24
N VAL A 430 13.42 14.79 -23.57
CA VAL A 430 13.13 16.06 -24.25
C VAL A 430 11.81 16.64 -23.78
N ALA A 431 10.81 15.80 -23.54
CA ALA A 431 9.48 16.31 -23.23
C ALA A 431 9.24 16.50 -21.74
N ASP A 432 10.21 16.24 -20.87
CA ASP A 432 9.99 16.43 -19.44
C ASP A 432 11.30 16.72 -18.72
N PRO A 433 11.72 17.99 -18.69
CA PRO A 433 12.92 18.36 -17.92
C PRO A 433 12.86 17.99 -16.45
N ASN A 434 11.67 17.81 -15.87
CA ASN A 434 11.59 17.43 -14.47
C ASN A 434 12.19 16.06 -14.23
N LYS A 435 12.34 15.24 -15.27
CA LYS A 435 12.90 13.90 -15.14
C LYS A 435 14.41 13.86 -15.41
N ARG A 436 15.03 14.99 -15.73
CA ARG A 436 16.49 15.02 -15.84
C ARG A 436 17.10 14.52 -14.52
N SER A 437 18.07 13.62 -14.63
CA SER A 437 18.73 13.08 -13.45
C SER A 437 20.13 13.69 -13.28
N LYS A 438 20.72 13.47 -12.11
CA LYS A 438 22.02 14.06 -11.76
C LYS A 438 23.18 13.27 -12.41
N LYS A 439 24.33 13.95 -12.57
CA LYS A 439 25.48 13.42 -13.31
C LYS A 439 26.64 13.14 -12.38
N GLY A 440 27.23 11.95 -12.50
CA GLY A 440 28.48 11.64 -11.84
C GLY A 440 28.35 11.21 -10.39
N ARG A 441 29.50 11.26 -9.71
CA ARG A 441 29.57 10.90 -8.31
C ARG A 441 29.02 12.05 -7.46
N LEU A 442 28.20 11.71 -6.48
CA LEU A 442 27.41 12.70 -5.75
C LEU A 442 27.83 12.75 -4.29
N SER A 443 27.60 13.91 -3.69
CA SER A 443 27.77 14.07 -2.25
C SER A 443 26.78 15.13 -1.79
N LEU A 444 26.46 15.09 -0.50
CA LEU A 444 25.48 15.98 0.13
C LEU A 444 26.20 16.85 1.15
N HIS A 445 25.95 18.15 1.08
CA HIS A 445 26.67 19.09 1.94
C HIS A 445 25.73 20.14 2.51
N ARG A 446 26.11 20.69 3.66
CA ARG A 446 25.50 21.93 4.12
C ARG A 446 26.11 23.11 3.39
N THR A 447 25.30 24.12 3.12
CA THR A 447 25.75 25.34 2.46
C THR A 447 26.20 26.36 3.49
N PRO A 448 26.92 27.40 3.08
CA PRO A 448 27.32 28.42 4.06
C PRO A 448 26.13 29.02 4.79
N ALA A 449 24.97 29.09 4.15
CA ALA A 449 23.77 29.63 4.81
C ALA A 449 22.97 28.60 5.59
N GLY A 450 23.47 27.37 5.71
CA GLY A 450 22.80 26.36 6.49
C GLY A 450 21.78 25.52 5.76
N ASN A 451 21.73 25.62 4.44
CA ASN A 451 20.83 24.83 3.63
C ASN A 451 21.59 23.59 3.17
N PHE A 452 21.07 22.92 2.16
CA PHE A 452 21.66 21.68 1.66
C PHE A 452 21.96 21.84 0.18
N VAL A 453 23.02 21.17 -0.29
CA VAL A 453 23.35 21.11 -1.72
C VAL A 453 23.88 19.73 -2.05
N THR A 454 23.48 19.23 -3.21
CA THR A 454 24.04 18.01 -3.76
C THR A 454 25.03 18.42 -4.84
N LEU A 455 26.30 18.05 -4.63
CA LEU A 455 27.33 18.31 -5.62
C LEU A 455 27.43 17.13 -6.58
N GLU A 456 27.55 17.42 -7.86
CA GLU A 456 27.58 16.43 -8.91
C GLU A 456 29.00 16.32 -9.47
N GLU A 457 29.23 15.32 -10.30
CA GLU A 457 30.46 15.20 -11.10
C GLU A 457 31.70 15.08 -10.24
N GLY A 458 31.57 14.51 -9.04
CA GLY A 458 32.68 14.32 -8.12
C GLY A 458 33.19 15.58 -7.47
N LYS A 459 32.48 16.70 -7.64
CA LYS A 459 32.98 17.98 -7.14
C LYS A 459 33.08 18.04 -5.62
N GLY A 460 32.41 17.15 -4.89
CA GLY A 460 32.62 17.08 -3.46
C GLY A 460 34.07 16.83 -3.08
N ASP A 461 34.84 16.23 -4.00
CA ASP A 461 36.25 15.93 -3.75
C ASP A 461 37.10 17.19 -3.64
N LEU A 462 36.66 18.30 -4.24
CA LEU A 462 37.34 19.57 -4.08
C LEU A 462 37.31 20.09 -2.65
N GLU A 463 36.35 19.63 -1.85
CA GLU A 463 36.27 19.98 -0.43
C GLU A 463 36.06 21.49 -0.21
N GLU A 464 35.23 22.10 -1.06
CA GLU A 464 34.85 23.49 -0.86
C GLU A 464 33.64 23.64 0.05
N TYR A 465 33.02 22.52 0.44
CA TYR A 465 31.70 22.52 1.07
C TYR A 465 31.65 21.67 2.33
N GLY A 466 32.76 21.48 3.03
CA GLY A 466 32.65 20.73 4.27
C GLY A 466 32.30 19.26 4.01
N GLN A 467 32.03 18.55 5.10
CA GLN A 467 31.98 17.10 5.02
C GLN A 467 30.74 16.61 4.26
N ASP A 468 30.92 15.52 3.54
CA ASP A 468 29.80 14.79 2.96
C ASP A 468 28.91 14.29 4.08
N LEU A 469 27.60 14.57 3.99
CA LEU A 469 26.64 14.10 4.98
C LEU A 469 26.15 12.66 4.73
N LEU A 470 26.47 12.05 3.58
CA LEU A 470 26.20 10.64 3.38
C LEU A 470 27.25 9.82 4.12
N HIS A 471 26.81 8.81 4.85
CA HIS A 471 27.68 7.88 5.57
C HIS A 471 27.47 6.46 5.05
N THR A 472 28.53 5.65 5.07
CA THR A 472 28.37 4.25 4.74
C THR A 472 27.51 3.54 5.77
N VAL A 473 26.37 3.02 5.32
CA VAL A 473 25.48 2.25 6.18
C VAL A 473 25.49 0.76 5.85
N PHE A 474 26.00 0.38 4.68
CA PHE A 474 26.04 -1.03 4.29
C PHE A 474 27.27 -1.23 3.45
N LYS A 475 28.05 -2.27 3.76
CA LYS A 475 29.17 -2.61 2.90
C LYS A 475 29.42 -4.11 2.97
N ASN A 476 29.38 -4.77 1.80
CA ASN A 476 29.79 -6.16 1.64
C ASN A 476 29.08 -7.06 2.66
N GLY A 477 27.76 -6.87 2.77
CA GLY A 477 26.93 -7.77 3.55
C GLY A 477 26.69 -7.34 4.98
N LYS A 478 27.33 -6.27 5.42
CA LYS A 478 27.28 -5.83 6.80
C LYS A 478 26.61 -4.47 6.88
N VAL A 479 25.76 -4.31 7.89
CA VAL A 479 25.24 -3.01 8.24
C VAL A 479 26.29 -2.31 9.10
N THR A 480 26.78 -1.17 8.62
CA THR A 480 27.96 -0.55 9.21
C THR A 480 27.66 0.66 10.08
N LYS A 481 26.45 1.20 10.03
CA LYS A 481 26.05 2.36 10.82
C LYS A 481 24.56 2.22 11.02
N SER A 482 24.10 2.37 12.26
CA SER A 482 22.71 2.18 12.67
C SER A 482 22.28 3.36 13.51
N TYR A 483 20.97 3.64 13.52
CA TYR A 483 20.40 4.70 14.31
C TYR A 483 19.29 4.15 15.18
N SER A 484 19.20 4.64 16.40
CA SER A 484 18.07 4.28 17.24
C SER A 484 16.85 5.10 16.82
N PHE A 485 15.68 4.61 17.22
CA PHE A 485 14.47 5.36 16.92
C PHE A 485 14.46 6.68 17.69
N ASP A 486 15.09 6.74 18.86
CA ASP A 486 15.17 8.00 19.57
C ASP A 486 15.97 9.04 18.81
N GLU A 487 17.11 8.64 18.22
CA GLU A 487 17.88 9.56 17.40
C GLU A 487 17.07 10.05 16.21
N ILE A 488 16.35 9.12 15.57
CA ILE A 488 15.57 9.48 14.39
C ILE A 488 14.51 10.52 14.75
N ARG A 489 13.82 10.32 15.87
CA ARG A 489 12.82 11.29 16.29
C ARG A 489 13.43 12.66 16.54
N LYS A 490 14.61 12.69 17.17
CA LYS A 490 15.30 13.97 17.38
C LYS A 490 15.63 14.64 16.06
N ASN A 491 16.12 13.87 15.08
CA ASN A 491 16.50 14.47 13.81
C ASN A 491 15.30 15.03 13.08
N ALA A 492 14.12 14.44 13.29
CA ALA A 492 12.91 14.84 12.58
C ALA A 492 12.06 15.87 13.31
N GLN A 493 12.55 16.42 14.41
CA GLN A 493 11.80 17.43 15.14
C GLN A 493 11.44 18.64 14.28
N LEU A 494 10.32 19.27 14.64
CA LEU A 494 9.93 20.51 14.01
C LEU A 494 10.81 21.63 14.56
N ASN A 495 10.98 22.68 13.76
CA ASN A 495 11.69 23.86 14.25
C ASN A 495 10.95 24.49 15.42
N ILE A 496 9.81 25.13 15.12
CA ILE A 496 9.09 25.94 16.11
C ILE A 496 10.05 26.89 16.82
N GLU B 20 8.25 -14.24 15.01
CA GLU B 20 7.16 -14.83 14.24
C GLU B 20 5.89 -14.02 14.43
N PHE B 21 5.01 -14.11 13.45
CA PHE B 21 3.74 -13.41 13.49
C PHE B 21 2.95 -13.84 14.72
N ASN B 22 2.31 -12.87 15.36
CA ASN B 22 1.55 -13.11 16.58
C ASN B 22 0.18 -12.47 16.42
N ILE B 23 -0.85 -13.29 16.23
CA ILE B 23 -2.20 -12.78 15.99
C ILE B 23 -2.73 -12.00 17.18
N LEU B 24 -2.20 -12.23 18.38
CA LEU B 24 -2.57 -11.42 19.53
C LEU B 24 -2.08 -9.98 19.42
N LEU B 25 -1.11 -9.72 18.53
CA LEU B 25 -0.58 -8.39 18.28
C LEU B 25 -0.91 -7.90 16.89
N ALA B 26 -1.92 -8.51 16.24
CA ALA B 26 -2.26 -8.19 14.86
C ALA B 26 -3.70 -7.70 14.75
N THR B 27 -4.07 -6.83 15.69
CA THR B 27 -5.38 -6.19 15.70
C THR B 27 -5.18 -4.71 16.01
N ASP B 28 -6.21 -3.91 15.73
CA ASP B 28 -6.23 -2.53 16.20
C ASP B 28 -6.20 -2.51 17.73
N SER B 29 -5.39 -1.62 18.28
CA SER B 29 -5.26 -1.55 19.74
C SER B 29 -6.61 -1.54 20.45
N TYR B 30 -7.55 -0.70 20.01
CA TYR B 30 -8.79 -0.57 20.79
C TYR B 30 -9.53 -1.88 20.91
N LYS B 31 -9.33 -2.83 19.98
CA LYS B 31 -10.05 -4.10 20.06
C LYS B 31 -9.60 -4.93 21.25
N VAL B 32 -8.40 -4.66 21.77
CA VAL B 32 -7.96 -5.33 22.99
C VAL B 32 -8.90 -5.06 24.15
N THR B 33 -9.60 -3.94 24.13
CA THR B 33 -10.48 -3.54 25.22
C THR B 33 -11.95 -3.86 24.97
N HIS B 34 -12.28 -4.46 23.83
CA HIS B 34 -13.68 -4.62 23.50
C HIS B 34 -14.38 -5.73 24.28
N TYR B 35 -13.65 -6.74 24.76
CA TYR B 35 -14.33 -7.82 25.47
C TYR B 35 -15.04 -7.30 26.72
N LYS B 36 -14.62 -6.14 27.23
CA LYS B 36 -15.24 -5.50 28.38
C LYS B 36 -16.43 -4.63 28.02
N GLN B 37 -16.75 -4.47 26.73
CA GLN B 37 -17.71 -3.47 26.26
C GLN B 37 -19.01 -4.07 25.72
N TYR B 38 -18.97 -5.32 25.25
CA TYR B 38 -20.19 -5.96 24.79
C TYR B 38 -21.15 -6.16 25.97
N PRO B 39 -22.44 -6.33 25.69
CA PRO B 39 -23.41 -6.60 26.75
C PRO B 39 -23.02 -7.85 27.53
N PRO B 40 -23.17 -7.83 28.85
CA PRO B 40 -22.97 -9.05 29.63
C PRO B 40 -23.79 -10.22 29.08
N ASN B 41 -23.21 -11.41 29.22
CA ASN B 41 -23.83 -12.68 28.78
C ASN B 41 -24.09 -12.71 27.29
N THR B 42 -23.16 -12.14 26.51
CA THR B 42 -23.18 -12.29 25.07
C THR B 42 -22.42 -13.55 24.68
N SER B 43 -23.09 -14.44 23.97
CA SER B 43 -22.51 -15.71 23.55
C SER B 43 -22.17 -15.77 22.08
N LYS B 44 -22.66 -14.83 21.27
CA LYS B 44 -22.45 -14.88 19.83
C LYS B 44 -22.31 -13.47 19.30
N VAL B 45 -21.28 -13.25 18.50
CA VAL B 45 -21.13 -12.06 17.69
C VAL B 45 -20.93 -12.52 16.26
N TYR B 46 -21.76 -12.01 15.37
CA TYR B 46 -21.77 -12.40 13.96
C TYR B 46 -21.60 -11.15 13.14
N SER B 47 -20.61 -11.16 12.27
CA SER B 47 -20.24 -9.99 11.49
C SER B 47 -20.06 -10.37 10.02
N TYR B 48 -20.06 -9.36 9.16
CA TYR B 48 -20.00 -9.60 7.72
C TYR B 48 -19.20 -8.49 7.06
N PHE B 49 -18.71 -8.80 5.85
CA PHE B 49 -17.96 -7.90 5.00
C PHE B 49 -18.74 -7.66 3.73
N GLU B 50 -18.81 -6.40 3.31
CA GLU B 50 -19.37 -6.02 2.03
C GLU B 50 -18.56 -4.87 1.43
N CYS B 51 -18.74 -4.67 0.13
CA CYS B 51 -18.26 -3.47 -0.57
C CYS B 51 -19.50 -2.62 -0.77
N ARG B 52 -19.72 -1.70 0.17
CA ARG B 52 -20.98 -0.97 0.26
C ARG B 52 -21.31 -0.25 -1.03
N GLU B 53 -22.59 -0.23 -1.35
CA GLU B 53 -23.08 0.60 -2.44
C GLU B 53 -22.90 2.07 -2.07
N LYS B 54 -22.50 2.87 -3.05
CA LYS B 54 -22.29 4.29 -2.81
C LYS B 54 -23.00 5.12 -3.86
N VAL B 64 -15.13 5.87 -13.50
CA VAL B 64 -15.56 4.48 -13.42
C VAL B 64 -16.37 4.29 -12.14
N LYS B 65 -17.44 3.50 -12.21
CA LYS B 65 -18.35 3.40 -11.08
C LYS B 65 -18.15 2.11 -10.26
N TYR B 66 -17.38 1.16 -10.75
CA TYR B 66 -17.08 -0.05 -10.00
C TYR B 66 -18.34 -0.67 -9.40
N GLU B 67 -19.23 -1.08 -10.28
CA GLU B 67 -20.52 -1.62 -9.84
C GLU B 67 -20.44 -3.05 -9.37
N GLU B 68 -19.37 -3.77 -9.70
CA GLU B 68 -19.21 -5.17 -9.33
C GLU B 68 -17.76 -5.39 -8.93
N THR B 69 -17.55 -6.30 -7.99
CA THR B 69 -16.23 -6.52 -7.42
C THR B 69 -15.83 -7.97 -7.62
N VAL B 70 -14.55 -8.18 -7.86
CA VAL B 70 -13.97 -9.52 -7.91
C VAL B 70 -13.61 -9.90 -6.48
N PHE B 71 -14.17 -10.97 -5.96
CA PHE B 71 -13.84 -11.43 -4.61
C PHE B 71 -12.59 -12.30 -4.69
N TYR B 72 -11.48 -11.81 -4.15
CA TYR B 72 -10.21 -12.49 -4.25
C TYR B 72 -9.35 -12.09 -3.06
N GLY B 73 -8.71 -13.06 -2.42
CA GLY B 73 -7.61 -12.83 -1.51
C GLY B 73 -7.81 -13.40 -0.11
N LEU B 74 -9.03 -13.82 0.24
CA LEU B 74 -9.27 -14.31 1.59
C LEU B 74 -8.49 -15.59 1.85
N GLN B 75 -8.37 -16.46 0.85
CA GLN B 75 -7.70 -17.75 1.05
C GLN B 75 -6.24 -17.55 1.45
N TYR B 76 -5.59 -16.53 0.92
CA TYR B 76 -4.25 -16.18 1.38
C TYR B 76 -4.24 -15.88 2.87
N ILE B 77 -5.17 -15.04 3.32
CA ILE B 77 -5.21 -14.62 4.72
C ILE B 77 -5.53 -15.80 5.63
N LEU B 78 -6.52 -16.61 5.24
CA LEU B 78 -6.85 -17.78 6.04
C LEU B 78 -5.63 -18.67 6.26
N ASN B 79 -4.90 -18.99 5.19
CA ASN B 79 -3.78 -19.92 5.31
C ASN B 79 -2.58 -19.29 5.99
N LYS B 80 -2.27 -18.03 5.69
CA LYS B 80 -1.04 -17.49 6.22
C LYS B 80 -1.14 -17.09 7.68
N TYR B 81 -2.30 -16.58 8.11
CA TYR B 81 -2.44 -15.96 9.41
C TYR B 81 -3.42 -16.65 10.37
N LEU B 82 -4.45 -17.34 9.88
CA LEU B 82 -5.53 -17.73 10.78
C LEU B 82 -5.61 -19.23 11.06
N LYS B 83 -5.04 -20.09 10.21
CA LYS B 83 -5.25 -21.52 10.39
C LYS B 83 -4.21 -22.10 11.33
N GLY B 84 -4.60 -23.21 11.97
CA GLY B 84 -3.66 -23.98 12.74
C GLY B 84 -3.51 -23.42 14.14
N LYS B 85 -2.40 -23.77 14.77
CA LYS B 85 -2.14 -23.34 16.14
C LYS B 85 -1.58 -21.93 16.08
N VAL B 86 -2.44 -20.94 16.34
CA VAL B 86 -2.01 -19.54 16.25
C VAL B 86 -1.78 -18.92 17.61
N VAL B 87 -2.05 -19.67 18.69
CA VAL B 87 -1.87 -19.18 20.05
C VAL B 87 -0.92 -20.12 20.76
N THR B 88 0.07 -19.55 21.43
CA THR B 88 0.99 -20.28 22.30
C THR B 88 1.15 -19.51 23.61
N LYS B 89 1.73 -20.19 24.62
CA LYS B 89 2.00 -19.52 25.89
C LYS B 89 2.92 -18.33 25.68
N GLU B 90 3.92 -18.47 24.81
CA GLU B 90 4.86 -17.37 24.58
C GLU B 90 4.18 -16.20 23.91
N LYS B 91 3.29 -16.46 22.96
CA LYS B 91 2.58 -15.36 22.31
C LYS B 91 1.66 -14.63 23.27
N ILE B 92 1.03 -15.35 24.19
CA ILE B 92 0.18 -14.70 25.18
C ILE B 92 1.01 -13.80 26.07
N GLN B 93 2.16 -14.32 26.56
CA GLN B 93 3.01 -13.52 27.44
C GLN B 93 3.58 -12.30 26.73
N GLU B 94 4.00 -12.46 25.47
CA GLU B 94 4.49 -11.33 24.69
C GLU B 94 3.43 -10.24 24.59
N ALA B 95 2.22 -10.63 24.21
CA ALA B 95 1.13 -9.66 24.06
C ALA B 95 0.81 -9.00 25.39
N LYS B 96 0.76 -9.81 26.45
CA LYS B 96 0.53 -9.25 27.78
C LYS B 96 1.56 -8.15 28.11
N ASP B 97 2.83 -8.43 27.85
CA ASP B 97 3.89 -7.49 28.18
C ASP B 97 3.81 -6.23 27.32
N VAL B 98 3.47 -6.39 26.03
CA VAL B 98 3.41 -5.22 25.15
C VAL B 98 2.23 -4.33 25.54
N TYR B 99 1.05 -4.92 25.74
CA TYR B 99 -0.14 -4.12 26.00
C TYR B 99 -0.07 -3.44 27.36
N LYS B 100 0.62 -4.04 28.32
CA LYS B 100 0.77 -3.35 29.61
C LYS B 100 1.44 -2.01 29.41
N GLU B 101 2.46 -1.96 28.53
CA GLU B 101 3.14 -0.69 28.30
C GLU B 101 2.38 0.19 27.33
N HIS B 102 1.73 -0.40 26.33
CA HIS B 102 1.05 0.37 25.29
C HIS B 102 -0.17 1.09 25.85
N PHE B 103 -0.89 0.46 26.79
CA PHE B 103 -2.05 1.06 27.45
C PHE B 103 -1.70 1.66 28.81
N GLN B 104 -0.51 1.38 29.31
CA GLN B 104 -0.11 1.79 30.65
C GLN B 104 -1.16 1.33 31.65
N ASP B 105 -1.56 0.07 31.49
CA ASP B 105 -2.72 -0.45 32.18
C ASP B 105 -2.88 -1.91 31.77
N ASP B 106 -3.56 -2.66 32.61
CA ASP B 106 -3.80 -4.07 32.36
C ASP B 106 -5.24 -4.20 31.88
N VAL B 107 -5.40 -4.25 30.56
CA VAL B 107 -6.70 -4.53 29.94
C VAL B 107 -6.66 -5.78 29.08
N PHE B 108 -5.49 -6.33 28.78
CA PHE B 108 -5.42 -7.48 27.88
C PHE B 108 -6.15 -8.71 28.45
N ASN B 109 -6.98 -9.34 27.62
CA ASN B 109 -7.79 -10.50 28.01
C ASN B 109 -6.95 -11.78 28.01
N GLU B 110 -6.02 -11.85 28.97
CA GLU B 110 -5.15 -13.03 29.08
C GLU B 110 -5.97 -14.30 29.28
N LYS B 111 -7.03 -14.22 30.11
CA LYS B 111 -7.84 -15.41 30.38
C LYS B 111 -8.50 -15.93 29.11
N GLY B 112 -9.04 -15.02 28.30
CA GLY B 112 -9.73 -15.44 27.09
C GLY B 112 -8.81 -16.13 26.12
N TRP B 113 -7.61 -15.60 25.95
CA TRP B 113 -6.67 -16.24 25.04
C TRP B 113 -6.15 -17.57 25.61
N ASN B 114 -6.00 -17.67 26.93
CA ASN B 114 -5.58 -18.94 27.51
C ASN B 114 -6.64 -20.03 27.34
N TYR B 115 -7.90 -19.64 27.40
CA TYR B 115 -8.99 -20.59 27.14
C TYR B 115 -8.83 -21.22 25.76
N ILE B 116 -8.58 -20.38 24.74
CA ILE B 116 -8.41 -20.92 23.39
C ILE B 116 -7.22 -21.87 23.34
N LEU B 117 -6.10 -21.46 23.93
CA LEU B 117 -4.93 -22.31 23.99
C LEU B 117 -5.25 -23.64 24.66
N GLU B 118 -5.92 -23.60 25.81
CA GLU B 118 -6.16 -24.82 26.59
C GLU B 118 -7.26 -25.69 25.99
N LYS B 119 -8.36 -25.07 25.55
CA LYS B 119 -9.49 -25.85 25.07
C LYS B 119 -9.32 -26.34 23.63
N TYR B 120 -8.64 -25.58 22.78
CA TYR B 120 -8.61 -25.86 21.35
C TYR B 120 -7.20 -25.99 20.82
N ASP B 121 -6.22 -26.19 21.71
CA ASP B 121 -4.81 -26.27 21.32
C ASP B 121 -4.43 -25.09 20.43
N GLY B 122 -4.93 -23.91 20.78
CA GLY B 122 -4.57 -22.68 20.10
C GLY B 122 -5.22 -22.46 18.74
N HIS B 123 -6.21 -23.27 18.38
CA HIS B 123 -6.96 -23.09 17.13
C HIS B 123 -8.15 -22.18 17.36
N LEU B 124 -8.42 -21.29 16.40
CA LEU B 124 -9.46 -20.28 16.59
C LEU B 124 -10.84 -20.88 16.45
N PRO B 125 -11.71 -20.76 17.48
CA PRO B 125 -13.13 -21.23 17.38
C PRO B 125 -14.01 -20.21 16.66
N ILE B 126 -13.81 -20.20 15.34
CA ILE B 126 -14.40 -19.24 14.41
C ILE B 126 -14.91 -20.01 13.20
N GLU B 127 -16.06 -19.61 12.66
CA GLU B 127 -16.53 -20.10 11.37
C GLU B 127 -16.67 -18.93 10.41
N ILE B 128 -16.05 -19.05 9.23
CA ILE B 128 -16.14 -18.05 8.17
C ILE B 128 -16.79 -18.68 6.96
N LYS B 129 -17.83 -18.03 6.44
CA LYS B 129 -18.48 -18.42 5.19
C LYS B 129 -18.20 -17.35 4.14
N ALA B 130 -17.91 -17.77 2.91
CA ALA B 130 -17.52 -16.82 1.88
C ALA B 130 -18.07 -17.22 0.51
N VAL B 131 -18.27 -16.20 -0.33
CA VAL B 131 -18.54 -16.44 -1.75
C VAL B 131 -17.28 -17.01 -2.40
N PRO B 132 -17.40 -17.86 -3.43
CA PRO B 132 -16.20 -18.44 -4.04
C PRO B 132 -15.28 -17.37 -4.61
N GLU B 133 -13.99 -17.61 -4.47
CA GLU B 133 -12.99 -16.67 -4.99
C GLU B 133 -13.06 -16.59 -6.50
N GLY B 134 -12.90 -15.35 -7.00
CA GLY B 134 -13.04 -15.03 -8.39
C GLY B 134 -14.45 -14.63 -8.78
N PHE B 135 -15.44 -14.91 -7.93
CA PHE B 135 -16.80 -14.51 -8.24
C PHE B 135 -16.87 -13.01 -8.36
N VAL B 136 -17.68 -12.56 -9.32
CA VAL B 136 -17.89 -11.16 -9.63
C VAL B 136 -19.27 -10.78 -9.13
N ILE B 137 -19.31 -9.94 -8.10
CA ILE B 137 -20.51 -9.69 -7.30
C ILE B 137 -20.81 -8.20 -7.32
N PRO B 138 -22.06 -7.79 -7.56
CA PRO B 138 -22.42 -6.38 -7.45
C PRO B 138 -22.18 -5.84 -6.06
N ARG B 139 -21.91 -4.54 -6.02
CA ARG B 139 -21.74 -3.83 -4.77
C ARG B 139 -22.95 -4.01 -3.86
N GLY B 140 -22.70 -3.98 -2.57
CA GLY B 140 -23.76 -4.02 -1.57
C GLY B 140 -24.22 -5.41 -1.16
N ASN B 141 -23.45 -6.44 -1.46
CA ASN B 141 -23.80 -7.81 -1.12
C ASN B 141 -22.82 -8.36 -0.11
N VAL B 142 -23.32 -9.25 0.74
CA VAL B 142 -22.44 -9.97 1.66
C VAL B 142 -21.44 -10.80 0.88
N LEU B 143 -20.16 -10.65 1.22
CA LEU B 143 -19.08 -11.42 0.60
C LEU B 143 -18.53 -12.50 1.52
N PHE B 144 -18.44 -12.23 2.81
CA PHE B 144 -18.15 -13.27 3.79
C PHE B 144 -18.73 -12.86 5.13
N THR B 145 -18.90 -13.85 6.00
CA THR B 145 -19.41 -13.69 7.35
C THR B 145 -18.49 -14.42 8.31
N VAL B 146 -18.50 -13.97 9.55
CA VAL B 146 -17.61 -14.43 10.62
C VAL B 146 -18.43 -14.58 11.89
N GLU B 147 -18.26 -15.69 12.60
CA GLU B 147 -18.93 -15.86 13.87
C GLU B 147 -18.11 -16.81 14.74
N ASN B 148 -18.23 -16.63 16.06
CA ASN B 148 -17.55 -17.51 16.98
C ASN B 148 -18.36 -18.80 17.16
N THR B 149 -17.64 -19.91 17.37
CA THR B 149 -18.27 -21.22 17.55
C THR B 149 -18.30 -21.68 19.00
N ASP B 150 -17.67 -20.93 19.90
CA ASP B 150 -17.71 -21.17 21.34
C ASP B 150 -18.24 -19.93 22.03
N PRO B 151 -19.23 -20.04 22.93
CA PRO B 151 -19.77 -18.84 23.59
C PRO B 151 -18.74 -18.04 24.36
N GLU B 152 -17.71 -18.69 24.91
CA GLU B 152 -16.69 -17.96 25.63
C GLU B 152 -15.93 -17.00 24.72
N CYS B 153 -15.95 -17.23 23.42
CA CYS B 153 -15.12 -16.49 22.48
C CYS B 153 -15.93 -15.50 21.63
N TYR B 154 -17.01 -14.96 22.21
CA TYR B 154 -17.83 -13.94 21.58
C TYR B 154 -17.00 -12.74 21.13
N TRP B 155 -15.88 -12.48 21.81
CA TRP B 155 -15.02 -11.33 21.54
C TRP B 155 -14.08 -11.59 20.37
N LEU B 156 -13.97 -12.82 19.91
CA LEU B 156 -12.96 -13.16 18.91
C LEU B 156 -13.39 -12.75 17.52
N THR B 157 -14.71 -12.71 17.27
CA THR B 157 -15.21 -12.37 15.94
C THR B 157 -14.62 -11.06 15.46
N ASN B 158 -14.71 -10.02 16.27
CA ASN B 158 -14.24 -8.74 15.79
C ASN B 158 -12.79 -8.46 16.18
N TRP B 159 -12.13 -9.30 16.97
CA TRP B 159 -10.68 -9.23 17.11
C TRP B 159 -10.01 -9.33 15.74
N ILE B 160 -10.49 -10.24 14.91
CA ILE B 160 -9.85 -10.54 13.63
C ILE B 160 -10.45 -9.72 12.48
N GLU B 161 -11.27 -8.71 12.81
CA GLU B 161 -11.73 -7.77 11.79
C GLU B 161 -10.55 -7.15 11.04
N THR B 162 -9.56 -6.68 11.78
CA THR B 162 -8.47 -5.91 11.18
C THR B 162 -7.76 -6.72 10.10
N ILE B 163 -7.44 -7.97 10.41
N ILE B 163 -7.37 -7.96 10.46
CA ILE B 163 -6.69 -8.78 9.47
CA ILE B 163 -6.73 -8.87 9.53
C ILE B 163 -7.57 -9.23 8.31
C ILE B 163 -7.60 -9.12 8.31
N LEU B 164 -8.87 -9.48 8.55
CA LEU B 164 -9.75 -9.87 7.46
C LEU B 164 -10.11 -8.72 6.55
N VAL B 165 -10.18 -7.51 7.10
CA VAL B 165 -10.58 -6.35 6.29
C VAL B 165 -9.49 -5.98 5.30
N GLN B 166 -8.24 -6.37 5.56
CA GLN B 166 -7.18 -6.19 4.57
C GLN B 166 -7.46 -6.94 3.26
N SER B 167 -8.47 -7.81 3.22
CA SER B 167 -8.89 -8.37 1.94
C SER B 167 -9.39 -7.30 0.99
N TRP B 168 -9.64 -6.09 1.50
CA TRP B 168 -10.03 -5.01 0.58
C TRP B 168 -9.00 -4.84 -0.52
N TYR B 169 -7.73 -5.10 -0.20
CA TYR B 169 -6.67 -4.75 -1.15
C TYR B 169 -6.64 -5.71 -2.33
N PRO B 170 -6.55 -7.02 -2.15
CA PRO B 170 -6.63 -7.90 -3.34
C PRO B 170 -7.96 -7.77 -4.06
N ILE B 171 -9.07 -7.55 -3.34
CA ILE B 171 -10.35 -7.32 -3.99
C ILE B 171 -10.27 -6.10 -4.90
N THR B 172 -9.70 -5.03 -4.38
CA THR B 172 -9.70 -3.79 -5.14
C THR B 172 -8.72 -3.84 -6.30
N VAL B 173 -7.55 -4.44 -6.11
CA VAL B 173 -6.61 -4.57 -7.22
C VAL B 173 -7.25 -5.40 -8.33
N ALA B 174 -7.81 -6.55 -7.96
CA ALA B 174 -8.39 -7.47 -8.96
C ALA B 174 -9.54 -6.81 -9.69
N THR B 175 -10.36 -6.05 -8.96
CA THR B 175 -11.49 -5.37 -9.56
C THR B 175 -11.04 -4.26 -10.50
N ASN B 176 -10.12 -3.41 -10.06
CA ASN B 176 -9.65 -2.32 -10.91
C ASN B 176 -8.89 -2.86 -12.12
N SER B 177 -8.14 -3.94 -11.94
CA SER B 177 -7.47 -4.58 -13.07
C SER B 177 -8.50 -5.11 -14.07
N ARG B 178 -9.59 -5.71 -13.58
CA ARG B 178 -10.62 -6.25 -14.46
C ARG B 178 -11.36 -5.13 -15.17
N GLU B 179 -11.57 -3.98 -14.50
CA GLU B 179 -12.19 -2.86 -15.19
C GLU B 179 -11.31 -2.35 -16.31
N GLN B 180 -9.99 -2.43 -16.17
CA GLN B 180 -9.13 -1.98 -17.26
C GLN B 180 -9.17 -3.00 -18.39
N LYS B 181 -9.24 -4.27 -18.06
CA LYS B 181 -9.42 -5.32 -19.06
C LYS B 181 -10.68 -5.11 -19.89
N LYS B 182 -11.77 -4.62 -19.27
CA LYS B 182 -13.01 -4.35 -19.99
C LYS B 182 -12.81 -3.25 -21.01
N ILE B 183 -12.10 -2.19 -20.64
CA ILE B 183 -11.80 -1.11 -21.57
C ILE B 183 -10.97 -1.64 -22.73
N LEU B 184 -9.91 -2.39 -22.41
CA LEU B 184 -9.02 -2.89 -23.45
C LEU B 184 -9.77 -3.83 -24.38
N ALA B 185 -10.64 -4.68 -23.82
CA ALA B 185 -11.40 -5.62 -24.65
C ALA B 185 -12.33 -4.89 -25.59
N LYS B 186 -13.02 -3.87 -25.09
CA LYS B 186 -13.93 -3.10 -25.92
C LYS B 186 -13.20 -2.51 -27.12
N TYR B 187 -12.07 -1.87 -26.88
CA TYR B 187 -11.39 -1.16 -27.96
C TYR B 187 -10.61 -2.10 -28.87
N LEU B 188 -10.10 -3.20 -28.32
CA LEU B 188 -9.44 -4.18 -29.18
C LEU B 188 -10.46 -4.84 -30.09
N LEU B 189 -11.64 -5.15 -29.56
CA LEU B 189 -12.67 -5.76 -30.38
C LEU B 189 -13.12 -4.80 -31.47
N GLU B 190 -13.33 -3.53 -31.12
N GLU B 190 -13.25 -3.50 -31.14
CA GLU B 190 -13.72 -2.55 -32.12
CA GLU B 190 -13.74 -2.51 -32.10
C GLU B 190 -12.67 -2.45 -33.22
C GLU B 190 -12.71 -2.15 -33.16
N THR B 191 -11.41 -2.22 -32.84
CA THR B 191 -10.39 -1.85 -33.81
C THR B 191 -9.75 -3.04 -34.52
N SER B 192 -9.94 -4.27 -34.04
CA SER B 192 -9.31 -5.43 -34.65
C SER B 192 -10.27 -6.58 -34.94
N GLY B 193 -11.43 -6.62 -34.31
CA GLY B 193 -12.38 -7.70 -34.54
C GLY B 193 -12.21 -8.93 -33.66
N ASN B 194 -11.19 -8.98 -32.81
CA ASN B 194 -11.00 -10.12 -31.92
C ASN B 194 -10.30 -9.64 -30.67
N LEU B 195 -10.04 -10.57 -29.75
CA LEU B 195 -9.38 -10.26 -28.47
C LEU B 195 -8.01 -10.91 -28.36
N ASP B 196 -7.40 -11.27 -29.48
CA ASP B 196 -6.07 -11.84 -29.43
C ASP B 196 -5.11 -10.89 -28.72
N GLY B 197 -4.36 -11.44 -27.78
CA GLY B 197 -3.35 -10.69 -27.09
C GLY B 197 -3.84 -9.94 -25.87
N LEU B 198 -5.14 -9.98 -25.59
CA LEU B 198 -5.72 -9.17 -24.51
C LEU B 198 -5.04 -9.42 -23.17
N GLU B 199 -4.77 -10.69 -22.83
N GLU B 199 -4.75 -10.69 -22.84
CA GLU B 199 -4.20 -11.02 -21.53
CA GLU B 199 -4.19 -11.03 -21.54
C GLU B 199 -2.78 -10.49 -21.34
C GLU B 199 -2.78 -10.51 -21.34
N TYR B 200 -2.16 -9.93 -22.37
CA TYR B 200 -0.82 -9.37 -22.27
C TYR B 200 -0.81 -7.87 -22.49
N LYS B 201 -1.98 -7.25 -22.50
CA LYS B 201 -2.07 -5.83 -22.85
C LYS B 201 -1.88 -4.88 -21.67
N LEU B 202 -1.91 -5.38 -20.44
CA LEU B 202 -1.68 -4.57 -19.23
C LEU B 202 -0.70 -5.33 -18.34
N HIS B 203 0.53 -4.85 -18.36
CA HIS B 203 1.67 -5.45 -17.68
C HIS B 203 1.89 -4.76 -16.34
N ASP B 204 2.12 -5.54 -15.30
CA ASP B 204 2.39 -5.03 -13.95
C ASP B 204 3.83 -4.55 -13.84
N PHE B 205 4.02 -3.23 -13.65
CA PHE B 205 5.29 -2.56 -13.43
C PHE B 205 5.43 -2.06 -11.99
N GLY B 206 4.60 -2.53 -11.06
CA GLY B 206 4.42 -1.90 -9.77
C GLY B 206 5.26 -2.37 -8.59
N TYR B 207 6.23 -3.25 -8.80
CA TYR B 207 6.97 -3.81 -7.67
C TYR B 207 7.64 -2.71 -6.82
N ARG B 208 8.32 -1.76 -7.45
CA ARG B 208 9.03 -0.73 -6.71
C ARG B 208 8.10 0.33 -6.12
N GLY B 209 6.88 0.45 -6.66
CA GLY B 209 5.93 1.47 -6.32
C GLY B 209 4.88 1.09 -5.31
N VAL B 210 4.94 -0.11 -4.74
CA VAL B 210 4.10 -0.47 -3.63
C VAL B 210 4.84 -0.30 -2.30
N SER B 211 4.12 -0.47 -1.21
CA SER B 211 4.58 -0.11 0.11
C SER B 211 5.39 -1.19 0.82
N SER B 212 5.40 -2.44 0.33
CA SER B 212 6.19 -3.49 0.98
C SER B 212 6.32 -4.68 0.05
N GLN B 213 7.20 -5.60 0.43
CA GLN B 213 7.33 -6.86 -0.28
C GLN B 213 6.04 -7.69 -0.20
N GLU B 214 5.43 -7.74 0.98
CA GLU B 214 4.21 -8.52 1.11
C GLU B 214 3.12 -7.95 0.24
N THR B 215 2.97 -6.62 0.23
CA THR B 215 1.97 -6.02 -0.64
C THR B 215 2.23 -6.33 -2.11
N ALA B 216 3.50 -6.30 -2.53
CA ALA B 216 3.84 -6.59 -3.91
C ALA B 216 3.30 -7.96 -4.33
N GLY B 217 3.54 -8.99 -3.51
CA GLY B 217 3.05 -10.31 -3.85
C GLY B 217 1.54 -10.38 -3.93
N ILE B 218 0.84 -9.78 -2.93
CA ILE B 218 -0.61 -9.85 -2.90
C ILE B 218 -1.19 -9.14 -4.11
N GLY B 219 -0.70 -7.94 -4.36
CA GLY B 219 -1.27 -7.13 -5.43
C GLY B 219 -0.96 -7.71 -6.80
N ALA B 220 0.28 -8.15 -7.01
CA ALA B 220 0.62 -8.75 -8.30
C ALA B 220 -0.26 -9.96 -8.55
N SER B 221 -0.56 -10.74 -7.51
CA SER B 221 -1.36 -11.94 -7.71
C SER B 221 -2.78 -11.57 -8.10
N ALA B 222 -3.29 -10.47 -7.53
CA ALA B 222 -4.62 -10.00 -7.86
C ALA B 222 -4.69 -9.55 -9.31
N HIS B 223 -3.64 -8.91 -9.81
CA HIS B 223 -3.65 -8.50 -11.21
C HIS B 223 -3.61 -9.73 -12.13
N LEU B 224 -2.92 -10.78 -11.71
CA LEU B 224 -2.83 -12.01 -12.52
C LEU B 224 -4.14 -12.77 -12.55
N VAL B 225 -5.12 -12.40 -11.72
CA VAL B 225 -6.47 -12.93 -11.92
C VAL B 225 -6.98 -12.58 -13.32
N ASN B 226 -6.58 -11.44 -13.87
CA ASN B 226 -7.13 -10.93 -15.11
C ASN B 226 -6.16 -10.96 -16.28
N PHE B 227 -4.86 -10.90 -16.02
CA PHE B 227 -3.84 -10.80 -17.05
C PHE B 227 -2.72 -11.80 -16.76
N LYS B 228 -1.83 -11.95 -17.76
CA LYS B 228 -0.71 -12.88 -17.67
C LYS B 228 0.67 -12.21 -17.69
N GLY B 229 0.76 -10.89 -17.86
CA GLY B 229 2.03 -10.21 -17.96
C GLY B 229 2.38 -9.46 -16.71
N THR B 230 3.56 -9.77 -16.15
CA THR B 230 3.96 -9.15 -14.90
C THR B 230 5.47 -9.12 -14.79
N ASP B 231 5.99 -8.02 -14.22
CA ASP B 231 7.36 -7.91 -13.77
C ASP B 231 7.46 -8.00 -12.25
N THR B 232 6.34 -8.11 -11.55
CA THR B 232 6.35 -8.20 -10.10
C THR B 232 6.45 -9.67 -9.72
N VAL B 233 7.70 -10.13 -9.68
CA VAL B 233 8.03 -11.55 -9.52
C VAL B 233 7.42 -12.13 -8.25
N ALA B 234 7.26 -11.30 -7.21
CA ALA B 234 6.71 -11.75 -5.93
C ALA B 234 5.33 -12.41 -6.06
N GLY B 235 4.54 -12.02 -7.06
CA GLY B 235 3.23 -12.62 -7.22
C GLY B 235 3.28 -14.10 -7.56
N LEU B 236 4.34 -14.53 -8.23
CA LEU B 236 4.39 -15.92 -8.68
C LEU B 236 4.43 -16.88 -7.50
N ALA B 237 5.28 -16.58 -6.52
CA ALA B 237 5.45 -17.50 -5.40
C ALA B 237 4.22 -17.53 -4.51
N LEU B 238 3.55 -16.38 -4.37
CA LEU B 238 2.33 -16.36 -3.58
C LEU B 238 1.28 -17.28 -4.20
N ILE B 239 1.09 -17.18 -5.52
CA ILE B 239 0.08 -18.01 -6.18
C ILE B 239 0.45 -19.48 -6.04
N LYS B 240 1.72 -19.81 -6.25
CA LYS B 240 2.14 -21.21 -6.15
C LYS B 240 1.86 -21.78 -4.77
N LYS B 241 2.13 -21.00 -3.72
CA LYS B 241 2.01 -21.50 -2.36
C LYS B 241 0.56 -21.58 -1.88
N TYR B 242 -0.29 -20.59 -2.24
CA TYR B 242 -1.60 -20.45 -1.64
C TYR B 242 -2.78 -20.81 -2.54
N TYR B 243 -2.59 -20.86 -3.85
CA TYR B 243 -3.68 -21.11 -4.78
C TYR B 243 -3.39 -22.25 -5.75
N GLY B 244 -2.29 -22.14 -6.48
CA GLY B 244 -1.86 -23.18 -7.41
C GLY B 244 -2.37 -23.02 -8.82
N THR B 245 -1.53 -23.35 -9.81
CA THR B 245 -1.93 -23.36 -11.20
C THR B 245 -1.48 -24.68 -11.83
N LYS B 246 -2.21 -25.09 -12.86
CA LYS B 246 -1.75 -26.22 -13.69
C LYS B 246 -0.47 -25.88 -14.43
N ASP B 247 -0.37 -24.67 -14.98
CA ASP B 247 0.85 -24.25 -15.66
C ASP B 247 1.98 -24.04 -14.66
N PRO B 248 3.25 -24.15 -15.11
CA PRO B 248 4.37 -23.92 -14.20
C PRO B 248 4.34 -22.57 -13.50
N VAL B 249 4.01 -21.49 -14.22
CA VAL B 249 3.88 -20.18 -13.59
C VAL B 249 2.60 -19.52 -14.08
N PRO B 250 2.09 -18.56 -13.28
CA PRO B 250 0.86 -17.85 -13.67
C PRO B 250 1.11 -16.61 -14.51
N GLY B 251 2.34 -16.13 -14.60
CA GLY B 251 2.60 -14.92 -15.36
C GLY B 251 3.98 -14.93 -15.99
N TYR B 252 4.13 -14.07 -16.99
CA TYR B 252 5.28 -14.12 -17.87
C TYR B 252 5.82 -12.72 -18.13
N SER B 253 7.09 -12.67 -18.53
CA SER B 253 7.70 -11.41 -18.90
C SER B 253 8.62 -11.61 -20.10
N VAL B 254 9.17 -10.50 -20.58
CA VAL B 254 10.11 -10.47 -21.70
C VAL B 254 11.29 -9.59 -21.31
N PRO B 255 12.44 -9.78 -21.95
CA PRO B 255 13.58 -8.87 -21.74
C PRO B 255 13.20 -7.44 -22.05
N ALA B 256 13.72 -6.51 -21.24
CA ALA B 256 13.41 -5.11 -21.45
C ALA B 256 14.54 -4.28 -20.88
N ALA B 257 14.79 -3.13 -21.51
CA ALA B 257 15.78 -2.17 -21.05
C ALA B 257 15.18 -1.23 -19.99
N GLU B 258 16.07 -0.60 -19.25
CA GLU B 258 15.75 0.50 -18.37
C GLU B 258 16.69 1.66 -18.70
N HIS B 259 16.47 2.81 -18.09
CA HIS B 259 17.32 3.93 -18.43
C HIS B 259 18.78 3.66 -18.08
N SER B 260 19.08 2.89 -17.02
CA SER B 260 20.50 2.67 -16.70
C SER B 260 21.23 1.91 -17.80
N THR B 261 20.57 0.95 -18.44
CA THR B 261 21.25 0.14 -19.47
C THR B 261 21.36 0.86 -20.81
N ILE B 262 20.62 1.92 -21.02
CA ILE B 262 20.83 2.78 -22.17
C ILE B 262 21.84 3.89 -21.85
N THR B 263 21.60 4.64 -20.77
CA THR B 263 22.40 5.81 -20.50
C THR B 263 23.83 5.46 -20.09
N ALA B 264 24.05 4.25 -19.54
CA ALA B 264 25.40 3.84 -19.18
C ALA B 264 26.36 3.90 -20.36
N TRP B 265 25.83 3.84 -21.59
CA TRP B 265 26.68 3.87 -22.79
C TRP B 265 27.18 5.27 -23.12
N GLY B 266 26.64 6.31 -22.49
CA GLY B 266 26.97 7.67 -22.84
C GLY B 266 25.98 8.26 -23.84
N LYS B 267 25.70 9.55 -23.69
CA LYS B 267 24.63 10.16 -24.49
C LYS B 267 24.90 10.06 -25.98
N ASP B 268 26.17 10.11 -26.39
CA ASP B 268 26.50 10.01 -27.81
C ASP B 268 26.42 8.60 -28.37
N HIS B 269 26.15 7.59 -27.53
CA HIS B 269 26.19 6.20 -27.95
C HIS B 269 24.86 5.49 -27.73
N GLU B 270 23.77 6.24 -27.74
CA GLU B 270 22.45 5.63 -27.60
C GLU B 270 22.20 4.58 -28.69
N LYS B 271 22.61 4.88 -29.92
CA LYS B 271 22.46 3.92 -31.00
C LYS B 271 23.22 2.62 -30.70
N ASP B 272 24.42 2.74 -30.15
CA ASP B 272 25.20 1.54 -29.82
C ASP B 272 24.49 0.70 -28.77
N ALA B 273 23.91 1.35 -27.76
CA ALA B 273 23.15 0.62 -26.77
C ALA B 273 22.01 -0.13 -27.41
N PHE B 274 21.22 0.56 -28.24
CA PHE B 274 20.07 -0.05 -28.88
C PHE B 274 20.50 -1.27 -29.70
N GLU B 275 21.56 -1.10 -30.49
CA GLU B 275 22.04 -2.18 -31.37
C GLU B 275 22.49 -3.37 -30.55
N HIS B 276 23.23 -3.12 -29.47
CA HIS B 276 23.68 -4.19 -28.60
C HIS B 276 22.50 -4.94 -28.00
N ILE B 277 21.52 -4.22 -27.48
CA ILE B 277 20.44 -4.89 -26.79
C ILE B 277 19.58 -5.72 -27.75
N VAL B 278 19.22 -5.19 -28.93
CA VAL B 278 18.34 -5.97 -29.79
C VAL B 278 19.08 -7.15 -30.40
N THR B 279 20.40 -7.05 -30.50
CA THR B 279 21.21 -8.17 -31.00
C THR B 279 21.39 -9.25 -29.94
N GLN B 280 21.48 -8.85 -28.66
CA GLN B 280 21.51 -9.81 -27.56
C GLN B 280 20.20 -10.58 -27.46
N PHE B 281 19.09 -9.94 -27.77
CA PHE B 281 17.79 -10.55 -27.65
C PHE B 281 17.14 -10.61 -29.03
N SER B 282 17.83 -11.27 -29.98
CA SER B 282 17.43 -11.24 -31.38
C SER B 282 16.24 -12.15 -31.67
N SER B 283 15.98 -13.15 -30.83
CA SER B 283 14.96 -14.14 -31.14
C SER B 283 13.90 -14.25 -30.04
N VAL B 284 13.80 -13.27 -29.15
CA VAL B 284 12.65 -13.15 -28.25
C VAL B 284 12.15 -11.72 -28.35
N PRO B 285 10.92 -11.44 -27.90
CA PRO B 285 10.49 -10.04 -27.85
C PRO B 285 11.43 -9.25 -26.95
N VAL B 286 11.68 -7.98 -27.31
CA VAL B 286 12.54 -7.15 -26.47
C VAL B 286 11.94 -5.76 -26.43
N SER B 287 11.76 -5.24 -25.23
CA SER B 287 11.27 -3.89 -25.01
C SER B 287 12.47 -2.97 -24.79
N VAL B 288 12.49 -1.83 -25.46
CA VAL B 288 13.63 -0.93 -25.34
C VAL B 288 13.13 0.48 -25.07
N VAL B 289 13.42 0.98 -23.88
CA VAL B 289 13.03 2.33 -23.50
C VAL B 289 13.80 3.32 -24.36
N SER B 290 13.08 4.23 -25.00
CA SER B 290 13.64 5.00 -26.10
C SER B 290 13.61 6.51 -25.87
N ASP B 291 13.30 6.96 -24.66
CA ASP B 291 13.13 8.38 -24.39
C ASP B 291 14.23 8.99 -23.52
N SER B 292 15.35 8.29 -23.34
CA SER B 292 16.41 8.80 -22.47
C SER B 292 16.79 10.25 -22.83
N TYR B 293 16.85 10.57 -24.12
CA TYR B 293 17.24 11.92 -24.52
C TYR B 293 16.21 12.57 -25.44
N ASP B 294 15.73 11.85 -26.45
CA ASP B 294 14.76 12.42 -27.40
C ASP B 294 14.05 11.24 -28.06
N ILE B 295 12.87 10.93 -27.53
CA ILE B 295 12.08 9.80 -28.01
C ILE B 295 11.80 9.94 -29.50
N TYR B 296 11.54 11.17 -29.96
CA TYR B 296 11.12 11.33 -31.35
C TYR B 296 12.30 11.12 -32.31
N ASN B 297 13.48 11.60 -31.93
CA ASN B 297 14.71 11.29 -32.66
C ASN B 297 14.98 9.80 -32.64
N ALA B 298 14.85 9.17 -31.47
CA ALA B 298 15.11 7.73 -31.37
C ALA B 298 14.24 6.95 -32.35
N CYS B 299 12.94 7.26 -32.40
CA CYS B 299 12.04 6.55 -33.30
C CYS B 299 12.33 6.86 -34.76
N GLU B 300 12.55 8.13 -35.10
CA GLU B 300 12.60 8.50 -36.50
C GLU B 300 13.97 8.23 -37.10
N LYS B 301 15.03 8.53 -36.35
CA LYS B 301 16.39 8.46 -36.87
C LYS B 301 17.15 7.22 -36.44
N ILE B 302 17.04 6.79 -35.19
CA ILE B 302 17.81 5.62 -34.79
C ILE B 302 17.09 4.34 -35.19
N TRP B 303 15.88 4.12 -34.67
CA TRP B 303 15.13 2.95 -35.07
C TRP B 303 14.70 3.03 -36.53
N GLY B 304 14.28 4.23 -36.96
CA GLY B 304 13.67 4.37 -38.26
C GLY B 304 14.64 4.42 -39.42
N GLU B 305 15.92 4.67 -39.14
CA GLU B 305 16.91 4.77 -40.22
C GLU B 305 18.17 3.98 -39.87
N ASP B 306 18.90 4.41 -38.85
CA ASP B 306 20.22 3.82 -38.54
C ASP B 306 20.14 2.32 -38.29
N LEU B 307 19.17 1.87 -37.48
CA LEU B 307 19.05 0.48 -37.09
C LEU B 307 17.86 -0.22 -37.73
N ARG B 308 17.22 0.41 -38.72
CA ARG B 308 16.02 -0.19 -39.30
C ARG B 308 16.27 -1.58 -39.83
N HIS B 309 17.48 -1.86 -40.34
CA HIS B 309 17.78 -3.17 -40.90
C HIS B 309 17.77 -4.28 -39.85
N LEU B 310 17.98 -3.94 -38.58
CA LEU B 310 17.92 -4.89 -37.48
C LEU B 310 16.52 -5.10 -36.94
N ILE B 311 15.56 -4.27 -37.35
CA ILE B 311 14.19 -4.38 -36.92
C ILE B 311 13.35 -5.15 -37.94
N VAL B 312 13.44 -4.78 -39.22
CA VAL B 312 12.58 -5.39 -40.23
C VAL B 312 12.94 -6.84 -40.48
N SER B 313 14.06 -7.32 -39.94
CA SER B 313 14.46 -8.72 -40.03
C SER B 313 13.92 -9.59 -38.91
N ARG B 314 13.27 -9.01 -37.89
CA ARG B 314 12.88 -9.78 -36.72
C ARG B 314 11.59 -10.59 -36.97
N SER B 315 11.45 -11.64 -36.17
CA SER B 315 10.30 -12.53 -36.22
C SER B 315 9.05 -11.90 -35.59
N THR B 316 7.90 -12.36 -36.08
CA THR B 316 6.61 -12.01 -35.48
C THR B 316 6.52 -12.46 -34.02
N GLN B 317 7.24 -13.51 -33.66
CA GLN B 317 7.28 -13.96 -32.28
C GLN B 317 8.32 -13.22 -31.46
N ALA B 318 9.07 -12.30 -32.06
CA ALA B 318 10.17 -11.61 -31.37
C ALA B 318 10.22 -10.16 -31.84
N PRO B 319 9.15 -9.40 -31.65
CA PRO B 319 9.17 -8.00 -32.09
C PRO B 319 10.07 -7.15 -31.21
N LEU B 320 10.48 -6.03 -31.79
CA LEU B 320 10.95 -4.89 -31.00
C LEU B 320 9.73 -4.19 -30.43
N ILE B 321 9.78 -3.89 -29.15
CA ILE B 321 8.70 -3.16 -28.50
C ILE B 321 9.30 -1.83 -28.05
N ILE B 322 8.93 -0.74 -28.69
CA ILE B 322 9.50 0.55 -28.36
C ILE B 322 8.74 1.09 -27.16
N ARG B 323 9.47 1.56 -26.15
CA ARG B 323 8.83 2.06 -24.93
C ARG B 323 9.13 3.54 -24.71
N PRO B 324 8.21 4.44 -25.04
CA PRO B 324 8.29 5.81 -24.51
C PRO B 324 8.06 5.77 -23.01
N ASP B 325 8.54 6.81 -22.32
CA ASP B 325 8.40 6.82 -20.86
C ASP B 325 8.30 8.23 -20.29
N SER B 326 7.88 9.20 -21.09
CA SER B 326 7.76 10.57 -20.58
C SER B 326 6.91 11.37 -21.55
N GLY B 327 6.44 12.52 -21.06
CA GLY B 327 5.60 13.37 -21.87
C GLY B 327 4.13 13.07 -21.61
N ASN B 328 3.27 13.86 -22.23
CA ASN B 328 1.85 13.60 -22.13
C ASN B 328 1.59 12.21 -22.70
N PRO B 329 0.98 11.29 -21.96
CA PRO B 329 0.88 9.90 -22.46
C PRO B 329 0.18 9.77 -23.81
N LEU B 330 -0.99 10.36 -24.00
CA LEU B 330 -1.68 10.19 -25.29
C LEU B 330 -0.92 10.89 -26.41
N ASP B 331 -0.49 12.14 -26.18
CA ASP B 331 0.22 12.88 -27.23
C ASP B 331 1.48 12.16 -27.65
N THR B 332 2.19 11.58 -26.69
CA THR B 332 3.44 10.90 -27.01
C THR B 332 3.16 9.62 -27.78
N VAL B 333 2.14 8.85 -27.37
CA VAL B 333 1.83 7.62 -28.10
C VAL B 333 1.44 7.93 -29.53
N LEU B 334 0.60 8.96 -29.73
CA LEU B 334 0.16 9.29 -31.08
C LEU B 334 1.33 9.75 -31.96
N LYS B 335 2.23 10.56 -31.41
CA LYS B 335 3.37 11.02 -32.21
C LYS B 335 4.36 9.89 -32.49
N VAL B 336 4.59 9.01 -31.52
CA VAL B 336 5.43 7.85 -31.77
C VAL B 336 4.85 6.98 -32.89
N LEU B 337 3.53 6.74 -32.85
CA LEU B 337 2.93 5.93 -33.91
C LEU B 337 2.99 6.63 -35.26
N GLU B 338 2.76 7.94 -35.29
CA GLU B 338 2.87 8.67 -36.55
C GLU B 338 4.28 8.56 -37.13
N ILE B 339 5.30 8.73 -36.29
CA ILE B 339 6.68 8.58 -36.75
C ILE B 339 6.92 7.19 -37.32
N LEU B 340 6.57 6.16 -36.53
CA LEU B 340 6.84 4.79 -36.96
C LEU B 340 6.05 4.44 -38.22
N GLY B 341 4.84 4.97 -38.35
CA GLY B 341 4.05 4.71 -39.54
C GLY B 341 4.65 5.32 -40.80
N LYS B 342 5.50 6.32 -40.65
CA LYS B 342 6.16 6.92 -41.80
C LYS B 342 7.48 6.22 -42.13
N LYS B 343 8.06 5.51 -41.18
CA LYS B 343 9.33 4.83 -41.43
C LYS B 343 9.19 3.33 -41.68
N PHE B 344 8.05 2.74 -41.37
CA PHE B 344 7.84 1.30 -41.46
C PHE B 344 6.57 1.01 -42.25
N PRO B 345 6.44 -0.20 -42.82
CA PRO B 345 5.28 -0.49 -43.69
C PRO B 345 4.00 -0.80 -42.93
N VAL B 346 3.12 0.16 -42.89
CA VAL B 346 1.86 0.06 -42.19
C VAL B 346 0.80 -0.56 -43.10
N THR B 347 -0.01 -1.43 -42.53
CA THR B 347 -1.14 -2.00 -43.24
C THR B 347 -2.44 -1.47 -42.66
N GLU B 348 -3.54 -1.82 -43.31
CA GLU B 348 -4.88 -1.51 -42.82
C GLU B 348 -5.59 -2.83 -42.57
N ASN B 349 -6.03 -3.06 -41.33
CA ASN B 349 -6.64 -4.34 -41.00
C ASN B 349 -8.09 -4.37 -41.48
N SER B 350 -8.77 -5.49 -41.20
CA SER B 350 -10.08 -5.70 -41.80
C SER B 350 -11.14 -4.77 -41.26
N LYS B 351 -10.84 -4.05 -40.17
CA LYS B 351 -11.77 -3.08 -39.62
C LYS B 351 -11.47 -1.67 -40.08
N GLY B 352 -10.41 -1.49 -40.87
CA GLY B 352 -10.04 -0.18 -41.33
C GLY B 352 -9.04 0.55 -40.46
N TYR B 353 -8.40 -0.13 -39.51
CA TYR B 353 -7.47 0.53 -38.61
C TYR B 353 -6.04 0.20 -39.00
N LYS B 354 -5.18 1.18 -38.81
CA LYS B 354 -3.77 1.05 -39.14
C LYS B 354 -3.04 0.10 -38.21
N LEU B 355 -2.11 -0.66 -38.78
CA LEU B 355 -1.40 -1.69 -38.07
C LEU B 355 0.07 -1.67 -38.47
N LEU B 356 0.94 -1.56 -37.46
CA LEU B 356 2.37 -1.64 -37.68
C LEU B 356 2.72 -3.05 -38.14
N PRO B 357 3.87 -3.23 -38.78
CA PRO B 357 4.31 -4.58 -39.13
C PRO B 357 4.49 -5.41 -37.88
N PRO B 358 4.39 -6.74 -38.00
CA PRO B 358 4.35 -7.60 -36.79
C PRO B 358 5.65 -7.65 -35.99
N TYR B 359 6.75 -7.14 -36.51
CA TYR B 359 8.02 -7.14 -35.80
C TYR B 359 8.19 -5.86 -34.97
N LEU B 360 7.16 -5.02 -34.91
CA LEU B 360 7.27 -3.71 -34.26
C LEU B 360 6.00 -3.40 -33.48
N ARG B 361 6.18 -3.10 -32.19
CA ARG B 361 5.07 -2.76 -31.31
C ARG B 361 5.54 -1.65 -30.38
N VAL B 362 4.58 -1.11 -29.60
CA VAL B 362 4.81 -0.01 -28.65
C VAL B 362 4.23 -0.42 -27.31
N ILE B 363 4.88 0.04 -26.24
CA ILE B 363 4.33 -0.14 -24.90
C ILE B 363 4.45 1.19 -24.20
N GLN B 364 3.35 1.66 -23.64
N GLN B 364 3.35 1.65 -23.62
CA GLN B 364 3.33 2.88 -22.83
CA GLN B 364 3.31 2.87 -22.82
C GLN B 364 3.24 2.47 -21.37
C GLN B 364 3.25 2.46 -21.36
N GLY B 365 4.30 2.78 -20.61
CA GLY B 365 4.38 2.43 -19.20
C GLY B 365 4.50 3.59 -18.24
N ASP B 366 4.35 4.82 -18.72
CA ASP B 366 4.45 6.02 -17.89
C ASP B 366 3.06 6.62 -17.69
N GLY B 367 2.73 6.91 -16.44
CA GLY B 367 1.51 7.64 -16.15
C GLY B 367 0.23 6.87 -16.44
N VAL B 368 0.27 5.54 -16.40
CA VAL B 368 -0.89 4.72 -16.74
C VAL B 368 -1.70 4.39 -15.49
N ASP B 369 -2.97 4.77 -15.53
CA ASP B 369 -4.00 4.32 -14.61
C ASP B 369 -5.28 4.15 -15.41
N ILE B 370 -6.38 3.74 -14.76
CA ILE B 370 -7.57 3.40 -15.53
C ILE B 370 -8.08 4.58 -16.33
N ASN B 371 -7.84 5.81 -15.85
CA ASN B 371 -8.32 6.97 -16.58
C ASN B 371 -7.46 7.28 -17.80
N THR B 372 -6.12 7.24 -17.67
CA THR B 372 -5.31 7.57 -18.84
C THR B 372 -5.32 6.43 -19.85
N LEU B 373 -5.50 5.19 -19.38
CA LEU B 373 -5.61 4.08 -20.31
C LEU B 373 -6.79 4.28 -21.25
N GLN B 374 -7.95 4.65 -20.70
CA GLN B 374 -9.13 4.99 -21.48
C GLN B 374 -8.85 6.13 -22.46
N GLU B 375 -8.18 7.18 -21.99
CA GLU B 375 -7.91 8.32 -22.86
CA GLU B 375 -7.87 8.33 -22.85
C GLU B 375 -6.99 7.92 -24.02
N ILE B 376 -6.01 7.06 -23.77
CA ILE B 376 -5.09 6.67 -24.83
C ILE B 376 -5.80 5.80 -25.87
N VAL B 377 -6.54 4.79 -25.43
CA VAL B 377 -7.12 3.90 -26.44
C VAL B 377 -8.20 4.64 -27.23
N GLU B 378 -8.90 5.59 -26.60
CA GLU B 378 -9.89 6.35 -27.35
C GLU B 378 -9.21 7.31 -28.33
N GLY B 379 -8.08 7.90 -27.95
CA GLY B 379 -7.39 8.78 -28.87
C GLY B 379 -6.77 8.02 -30.03
N MET B 380 -6.27 6.82 -29.76
CA MET B 380 -5.78 5.97 -30.84
C MET B 380 -6.89 5.63 -31.82
N LYS B 381 -8.04 5.22 -31.29
CA LYS B 381 -9.18 4.89 -32.15
C LYS B 381 -9.57 6.09 -33.02
N GLN B 382 -9.56 7.30 -32.46
CA GLN B 382 -9.96 8.47 -33.23
C GLN B 382 -8.98 8.79 -34.35
N LYS B 383 -7.71 8.46 -34.16
CA LYS B 383 -6.69 8.60 -35.18
C LYS B 383 -6.53 7.33 -36.03
N MET B 384 -7.44 6.37 -35.91
CA MET B 384 -7.50 5.18 -36.78
C MET B 384 -6.33 4.22 -36.59
N TRP B 385 -5.77 4.14 -35.38
CA TRP B 385 -4.76 3.17 -35.01
C TRP B 385 -5.37 2.00 -34.26
N SER B 386 -5.04 0.79 -34.69
CA SER B 386 -5.51 -0.38 -33.97
C SER B 386 -4.89 -0.50 -32.57
N ILE B 387 -5.69 -0.96 -31.61
CA ILE B 387 -5.16 -1.27 -30.29
C ILE B 387 -4.25 -2.48 -30.33
N GLU B 388 -4.23 -3.23 -31.46
CA GLU B 388 -3.22 -4.27 -31.63
C GLU B 388 -1.80 -3.73 -31.50
N ASN B 389 -1.60 -2.46 -31.85
CA ASN B 389 -0.27 -1.86 -31.89
C ASN B 389 0.35 -1.62 -30.52
N ILE B 390 -0.47 -1.53 -29.47
CA ILE B 390 -0.05 -0.95 -28.18
C ILE B 390 -0.30 -1.97 -27.07
N ALA B 391 0.56 -1.90 -26.06
CA ALA B 391 0.31 -2.49 -24.77
C ALA B 391 0.66 -1.46 -23.70
N PHE B 392 0.30 -1.76 -22.48
CA PHE B 392 0.43 -0.81 -21.37
C PHE B 392 1.18 -1.47 -20.23
N GLY B 393 1.98 -0.66 -19.55
CA GLY B 393 2.57 -1.04 -18.27
C GLY B 393 2.07 -0.05 -17.23
N SER B 394 1.76 -0.56 -16.05
CA SER B 394 1.21 0.30 -14.99
C SER B 394 1.81 -0.14 -13.69
N GLY B 395 2.28 0.81 -12.87
CA GLY B 395 2.85 0.52 -11.58
C GLY B 395 1.95 0.93 -10.44
N GLY B 396 2.17 2.14 -9.96
CA GLY B 396 1.36 2.62 -8.86
C GLY B 396 -0.12 2.68 -9.18
N GLY B 397 -0.46 3.04 -10.41
CA GLY B 397 -1.86 3.09 -10.77
C GLY B 397 -2.55 1.75 -10.64
N LEU B 398 -1.79 0.67 -10.81
CA LEU B 398 -2.30 -0.69 -10.75
C LEU B 398 -2.31 -1.26 -9.33
N LEU B 399 -1.27 -1.00 -8.55
CA LEU B 399 -1.05 -1.70 -7.29
C LEU B 399 -1.05 -0.81 -6.05
N GLN B 400 -0.90 0.51 -6.19
CA GLN B 400 -0.74 1.35 -5.01
C GLN B 400 -1.75 2.47 -4.85
N LYS B 401 -2.18 3.06 -5.95
CA LYS B 401 -3.10 4.20 -5.94
C LYS B 401 -4.54 3.73 -5.78
N LEU B 402 -4.79 3.09 -4.64
CA LEU B 402 -6.05 2.42 -4.33
C LEU B 402 -6.22 2.47 -2.84
N THR B 403 -7.45 2.65 -2.38
CA THR B 403 -7.72 2.67 -0.94
C THR B 403 -8.99 1.88 -0.67
N ARG B 404 -9.21 1.64 0.62
CA ARG B 404 -10.35 0.86 1.05
C ARG B 404 -11.65 1.60 0.77
N ASP B 405 -11.60 2.91 0.54
CA ASP B 405 -12.82 3.63 0.25
C ASP B 405 -13.23 3.61 -1.23
N LEU B 406 -12.40 3.07 -2.13
CA LEU B 406 -12.82 3.00 -3.53
C LEU B 406 -14.06 2.14 -3.69
N LEU B 407 -14.08 0.97 -3.03
CA LEU B 407 -15.24 0.10 -3.07
C LEU B 407 -16.02 0.10 -1.78
N ASN B 408 -15.69 1.02 -0.86
CA ASN B 408 -16.38 1.14 0.43
C ASN B 408 -16.39 -0.19 1.18
N CYS B 409 -15.22 -0.82 1.24
CA CYS B 409 -15.07 -2.10 1.93
C CYS B 409 -15.26 -1.93 3.44
N SER B 410 -16.14 -2.73 4.03
CA SER B 410 -16.59 -2.50 5.39
C SER B 410 -16.98 -3.81 6.08
N PHE B 411 -16.63 -3.94 7.36
CA PHE B 411 -16.91 -5.10 8.19
C PHE B 411 -17.73 -4.65 9.39
N LYS B 412 -18.89 -5.27 9.61
CA LYS B 412 -19.83 -4.80 10.63
C LYS B 412 -20.53 -5.99 11.28
N CYS B 413 -20.80 -5.83 12.57
CA CYS B 413 -21.64 -6.77 13.32
C CYS B 413 -23.10 -6.58 12.92
N SER B 414 -23.78 -7.68 12.58
CA SER B 414 -25.21 -7.67 12.24
C SER B 414 -26.08 -8.54 13.13
N TYR B 415 -25.51 -9.37 14.00
CA TYR B 415 -26.30 -10.29 14.81
C TYR B 415 -25.52 -10.66 16.05
N VAL B 416 -26.19 -10.62 17.20
CA VAL B 416 -25.62 -11.07 18.46
C VAL B 416 -26.65 -11.92 19.18
N VAL B 417 -26.16 -12.78 20.06
CA VAL B 417 -27.01 -13.50 21.01
C VAL B 417 -26.56 -13.08 22.40
N THR B 418 -27.51 -12.55 23.18
CA THR B 418 -27.27 -12.11 24.55
C THR B 418 -28.41 -12.64 25.42
N ASN B 419 -28.06 -13.24 26.57
CA ASN B 419 -29.05 -13.90 27.43
C ASN B 419 -29.87 -14.93 26.66
N GLY B 420 -29.24 -15.59 25.69
CA GLY B 420 -29.90 -16.59 24.89
C GLY B 420 -30.85 -16.06 23.83
N LEU B 421 -30.93 -14.76 23.65
CA LEU B 421 -31.84 -14.14 22.68
C LEU B 421 -31.03 -13.51 21.55
N GLY B 422 -31.28 -13.97 20.33
CA GLY B 422 -30.67 -13.34 19.17
C GLY B 422 -31.36 -12.01 18.87
N ILE B 423 -30.55 -11.01 18.54
CA ILE B 423 -31.09 -9.71 18.12
C ILE B 423 -30.35 -9.27 16.86
N ASN B 424 -31.09 -8.62 15.97
CA ASN B 424 -30.53 -8.07 14.76
C ASN B 424 -29.99 -6.69 15.07
N VAL B 425 -28.74 -6.43 14.72
CA VAL B 425 -28.11 -5.17 15.08
C VAL B 425 -27.47 -4.54 13.86
N PHE B 426 -27.25 -3.24 13.95
CA PHE B 426 -26.89 -2.48 12.77
C PHE B 426 -26.54 -1.08 13.20
N LYS B 427 -25.85 -0.37 12.32
CA LYS B 427 -25.66 1.07 12.47
C LYS B 427 -26.46 1.79 11.38
N ASP B 428 -26.83 3.02 11.68
CA ASP B 428 -27.63 3.82 10.76
C ASP B 428 -27.40 5.30 11.03
N PRO B 429 -26.22 5.83 10.73
CA PRO B 429 -25.90 7.21 11.13
C PRO B 429 -26.81 8.22 10.44
N VAL B 430 -27.28 9.20 11.21
CA VAL B 430 -28.31 10.13 10.71
C VAL B 430 -27.80 10.92 9.51
N ALA B 431 -26.52 11.29 9.51
CA ALA B 431 -26.02 12.16 8.47
C ALA B 431 -25.46 11.41 7.27
N ASP B 432 -25.49 10.09 7.26
CA ASP B 432 -24.94 9.35 6.12
C ASP B 432 -25.66 8.01 5.95
N PRO B 433 -26.79 8.02 5.25
CA PRO B 433 -27.49 6.75 4.97
C PRO B 433 -26.67 5.73 4.20
N ASN B 434 -25.59 6.14 3.53
CA ASN B 434 -24.75 5.19 2.83
C ASN B 434 -24.01 4.27 3.79
N LYS B 435 -23.87 4.66 5.05
CA LYS B 435 -23.20 3.85 6.06
C LYS B 435 -24.15 2.94 6.82
N ARG B 436 -25.44 2.97 6.53
CA ARG B 436 -26.36 2.01 7.12
C ARG B 436 -25.87 0.60 6.82
N SER B 437 -25.81 -0.24 7.85
CA SER B 437 -25.37 -1.61 7.69
C SER B 437 -26.57 -2.57 7.72
N LYS B 438 -26.29 -3.82 7.31
CA LYS B 438 -27.33 -4.85 7.18
C LYS B 438 -27.66 -5.46 8.54
N LYS B 439 -28.87 -6.04 8.64
CA LYS B 439 -29.40 -6.51 9.92
C LYS B 439 -29.54 -8.01 9.95
N GLY B 440 -29.01 -8.62 11.01
CA GLY B 440 -29.30 -10.01 11.29
C GLY B 440 -28.44 -10.96 10.51
N ARG B 441 -28.92 -12.20 10.47
CA ARG B 441 -28.19 -13.26 9.80
C ARG B 441 -28.38 -13.15 8.29
N LEU B 442 -27.28 -13.28 7.57
CA LEU B 442 -27.24 -12.94 6.15
C LEU B 442 -27.00 -14.17 5.29
N SER B 443 -27.47 -14.09 4.06
CA SER B 443 -27.21 -15.12 3.06
C SER B 443 -27.25 -14.48 1.68
N LEU B 444 -26.55 -15.10 0.74
CA LEU B 444 -26.40 -14.59 -0.62
C LEU B 444 -27.09 -15.55 -1.56
N HIS B 445 -27.92 -15.02 -2.46
CA HIS B 445 -28.74 -15.86 -3.32
C HIS B 445 -28.74 -15.34 -4.73
N ARG B 446 -29.10 -16.24 -5.66
CA ARG B 446 -29.45 -15.88 -7.01
C ARG B 446 -30.92 -15.49 -7.05
N THR B 447 -31.23 -14.44 -7.82
CA THR B 447 -32.62 -14.04 -8.02
C THR B 447 -33.24 -14.86 -9.15
N PRO B 448 -34.55 -14.80 -9.32
CA PRO B 448 -35.15 -15.49 -10.47
C PRO B 448 -34.54 -15.06 -11.80
N ALA B 449 -34.11 -13.81 -11.92
CA ALA B 449 -33.48 -13.33 -13.14
C ALA B 449 -31.99 -13.59 -13.20
N GLY B 450 -31.45 -14.31 -12.22
CA GLY B 450 -30.04 -14.66 -12.25
C GLY B 450 -29.11 -13.61 -11.67
N ASN B 451 -29.63 -12.60 -10.98
CA ASN B 451 -28.79 -11.58 -10.38
C ASN B 451 -28.48 -12.03 -8.96
N PHE B 452 -27.92 -11.15 -8.15
CA PHE B 452 -27.61 -11.49 -6.76
C PHE B 452 -28.46 -10.66 -5.81
N VAL B 453 -28.78 -11.27 -4.68
CA VAL B 453 -29.47 -10.60 -3.59
C VAL B 453 -28.91 -11.09 -2.27
N THR B 454 -28.76 -10.18 -1.33
CA THR B 454 -28.42 -10.51 0.04
C THR B 454 -29.67 -10.43 0.88
N LEU B 455 -30.06 -11.55 1.48
CA LEU B 455 -31.22 -11.60 2.36
C LEU B 455 -30.78 -11.35 3.81
N GLU B 456 -31.53 -10.52 4.49
CA GLU B 456 -31.22 -10.10 5.85
C GLU B 456 -32.19 -10.77 6.81
N GLU B 457 -31.88 -10.65 8.09
CA GLU B 457 -32.79 -11.04 9.18
C GLU B 457 -33.11 -12.55 9.15
N GLY B 458 -32.18 -13.35 8.64
CA GLY B 458 -32.36 -14.78 8.59
C GLY B 458 -33.34 -15.25 7.55
N LYS B 459 -33.82 -14.35 6.69
CA LYS B 459 -34.87 -14.69 5.75
C LYS B 459 -34.44 -15.73 4.71
N GLY B 460 -33.13 -15.97 4.54
CA GLY B 460 -32.72 -17.07 3.69
C GLY B 460 -33.27 -18.42 4.14
N ASP B 461 -33.60 -18.55 5.42
CA ASP B 461 -34.09 -19.82 5.95
C ASP B 461 -35.47 -20.17 5.39
N LEU B 462 -36.20 -19.17 4.87
CA LEU B 462 -37.49 -19.44 4.23
C LEU B 462 -37.34 -20.13 2.88
N GLU B 463 -36.14 -20.13 2.30
CA GLU B 463 -35.83 -20.87 1.08
C GLU B 463 -36.68 -20.41 -0.11
N GLU B 464 -37.13 -19.15 -0.10
CA GLU B 464 -37.83 -18.61 -1.26
C GLU B 464 -36.87 -18.27 -2.39
N TYR B 465 -35.58 -18.25 -2.10
CA TYR B 465 -34.54 -17.84 -3.04
C TYR B 465 -33.51 -18.93 -3.24
N GLY B 466 -33.88 -20.18 -2.99
CA GLY B 466 -32.91 -21.21 -3.16
C GLY B 466 -31.84 -21.17 -2.07
N GLN B 467 -30.74 -21.84 -2.39
CA GLN B 467 -29.71 -22.10 -1.39
C GLN B 467 -28.70 -20.96 -1.32
N ASP B 468 -28.18 -20.75 -0.12
CA ASP B 468 -27.12 -19.79 0.14
C ASP B 468 -25.89 -20.06 -0.75
N LEU B 469 -25.39 -19.01 -1.40
CA LEU B 469 -24.16 -19.10 -2.19
C LEU B 469 -22.88 -19.01 -1.37
N LEU B 470 -22.94 -18.59 -0.12
CA LEU B 470 -21.76 -18.64 0.72
C LEU B 470 -21.44 -20.08 1.14
N HIS B 471 -20.16 -20.41 1.19
CA HIS B 471 -19.66 -21.71 1.62
C HIS B 471 -18.79 -21.51 2.85
N THR B 472 -18.84 -22.46 3.78
CA THR B 472 -17.87 -22.46 4.88
C THR B 472 -16.46 -22.69 4.34
N VAL B 473 -15.58 -21.72 4.56
CA VAL B 473 -14.19 -21.80 4.12
C VAL B 473 -13.23 -21.97 5.29
N PHE B 474 -13.65 -21.65 6.51
CA PHE B 474 -12.80 -21.78 7.68
C PHE B 474 -13.68 -22.21 8.84
N LYS B 475 -13.23 -23.20 9.61
CA LYS B 475 -13.94 -23.59 10.82
C LYS B 475 -12.97 -24.20 11.80
N ASN B 476 -12.91 -23.60 12.98
CA ASN B 476 -12.19 -24.13 14.15
C ASN B 476 -10.74 -24.47 13.82
N GLY B 477 -10.08 -23.53 13.15
CA GLY B 477 -8.67 -23.62 12.86
C GLY B 477 -8.32 -24.28 11.55
N LYS B 478 -9.31 -24.74 10.79
CA LYS B 478 -9.07 -25.46 9.54
C LYS B 478 -9.67 -24.72 8.36
N VAL B 479 -8.95 -24.72 7.24
CA VAL B 479 -9.52 -24.29 5.97
C VAL B 479 -10.31 -25.46 5.41
N THR B 480 -11.58 -25.21 5.12
CA THR B 480 -12.54 -26.27 4.79
C THR B 480 -12.99 -26.26 3.34
N LYS B 481 -12.66 -25.21 2.59
CA LYS B 481 -12.97 -25.11 1.17
C LYS B 481 -11.98 -24.16 0.55
N SER B 482 -11.52 -24.48 -0.65
CA SER B 482 -10.46 -23.70 -1.27
C SER B 482 -10.57 -23.79 -2.78
N TYR B 483 -9.84 -22.90 -3.47
CA TYR B 483 -9.96 -22.71 -4.91
C TYR B 483 -8.57 -22.63 -5.50
N SER B 484 -8.39 -23.26 -6.66
CA SER B 484 -7.14 -23.06 -7.35
C SER B 484 -7.17 -21.72 -8.09
N PHE B 485 -5.98 -21.26 -8.44
CA PHE B 485 -5.90 -20.02 -9.21
C PHE B 485 -6.55 -20.16 -10.57
N ASP B 486 -6.55 -21.38 -11.15
CA ASP B 486 -7.21 -21.54 -12.43
C ASP B 486 -8.73 -21.40 -12.29
N GLU B 487 -9.31 -21.89 -11.18
CA GLU B 487 -10.75 -21.74 -10.97
C GLU B 487 -11.11 -20.27 -10.77
N ILE B 488 -10.27 -19.55 -10.03
CA ILE B 488 -10.50 -18.13 -9.77
C ILE B 488 -10.50 -17.35 -11.07
N ARG B 489 -9.52 -17.61 -11.95
CA ARG B 489 -9.48 -16.94 -13.25
C ARG B 489 -10.74 -17.21 -14.05
N LYS B 490 -11.20 -18.48 -14.05
CA LYS B 490 -12.44 -18.81 -14.76
C LYS B 490 -13.62 -18.03 -14.22
N ASN B 491 -13.74 -17.96 -12.90
CA ASN B 491 -14.85 -17.23 -12.29
C ASN B 491 -14.80 -15.74 -12.62
N ALA B 492 -13.61 -15.18 -12.79
CA ALA B 492 -13.43 -13.74 -13.01
C ALA B 492 -13.47 -13.33 -14.46
N GLN B 493 -13.74 -14.25 -15.39
CA GLN B 493 -13.72 -13.92 -16.81
C GLN B 493 -14.71 -12.83 -17.17
N LEU B 494 -14.38 -12.10 -18.22
CA LEU B 494 -15.34 -11.16 -18.78
C LEU B 494 -16.43 -11.93 -19.52
N ASN B 495 -17.61 -11.31 -19.61
CA ASN B 495 -18.71 -11.95 -20.34
C ASN B 495 -18.30 -12.27 -21.78
N ILE B 496 -17.68 -11.32 -22.47
CA ILE B 496 -17.24 -11.56 -23.84
C ILE B 496 -16.38 -12.81 -23.88
C1 PRP C . -13.14 3.07 10.83
C2 PRP C . -13.11 4.10 11.71
C3 PRP C . -12.97 5.37 10.85
C4 PRP C . -12.18 4.83 9.59
C5 PRP C . -10.78 5.44 9.56
O1 PRP C . -14.37 2.93 10.25
O2 PRP C . -14.34 4.17 12.54
O3 PRP C . -14.17 5.83 10.45
O4 PRP C . -12.05 3.51 9.70
O5 PRP C . -10.14 4.79 8.49
P PRP C . -10.05 5.60 7.07
O1P PRP C . -9.45 6.95 7.45
O2P PRP C . -9.22 4.78 6.12
O3P PRP C . -11.42 5.81 6.48
PA PRP C . -14.89 1.66 9.33
O1A PRP C . -16.36 1.47 9.51
O2A PRP C . -14.00 0.46 9.28
O3A PRP C . -14.83 2.31 7.81
PB PRP C . -16.19 2.28 6.89
O1B PRP C . -17.35 2.94 7.58
O2B PRP C . -15.82 3.00 5.61
O3B PRP C . -16.51 0.81 6.64
H1 PRP C . -12.90 2.24 11.27
H2 PRP C . -12.35 3.99 12.30
H3 PRP C . -12.50 6.07 11.34
H4 PRP C . -12.72 5.04 8.81
H51 PRP C . -10.31 5.28 10.39
H52 PRP C . -10.83 6.40 9.39
HO2 PRP C . -14.58 3.38 12.76
HO3 PRP C . -14.24 6.65 10.67
C1 GOL D . 18.29 18.57 8.97
O1 GOL D . 17.25 19.44 8.46
C2 GOL D . 17.84 17.95 10.37
O2 GOL D . 16.92 16.92 10.23
C3 GOL D . 19.14 17.40 11.00
O3 GOL D . 19.97 18.49 11.26
H11 GOL D . 18.49 17.84 8.36
H12 GOL D . 19.13 19.05 9.11
HO1 GOL D . 16.96 19.08 7.74
H2 GOL D . 17.43 18.63 10.90
HO2 GOL D . 16.60 16.75 11.01
H31 GOL D . 18.91 16.89 11.79
H32 GOL D . 19.54 16.75 10.39
HO3 GOL D . 20.65 18.19 11.64
C1 PRP E . 9.44 3.35 -14.06
C2 PRP E . 8.99 3.04 -15.30
C3 PRP E . 7.69 3.83 -15.48
C4 PRP E . 7.16 3.88 -13.98
C5 PRP E . 5.90 3.04 -13.81
O1 PRP E . 10.05 4.57 -14.03
O2 PRP E . 9.98 3.36 -16.36
O3 PRP E . 7.90 5.08 -15.96
O4 PRP E . 8.08 3.38 -13.19
O5 PRP E . 5.60 3.11 -12.45
P PRP E . 4.39 4.13 -12.00
O1P PRP E . 4.09 3.90 -10.53
O2P PRP E . 4.85 5.54 -12.19
O3P PRP E . 3.24 3.76 -12.92
PA PRP E . 10.89 5.21 -12.77
O1A PRP E . 11.26 4.31 -11.64
O2A PRP E . 11.90 6.21 -13.25
O3A PRP E . 9.80 6.28 -12.13
PB PRP E . 10.38 7.81 -12.00
O1B PRP E . 9.48 8.58 -11.05
O2B PRP E . 11.78 7.74 -11.42
O3B PRP E . 10.44 8.54 -13.34
H1 PRP E . 10.07 2.67 -13.75
H2 PRP E . 8.81 2.09 -15.34
H3 PRP E . 7.07 3.40 -16.10
H4 PRP E . 7.02 4.82 -13.78
H51 PRP E . 5.17 3.39 -14.34
H52 PRP E . 6.08 2.12 -14.08
HO2 PRP E . 10.76 3.19 -16.07
HO3 PRP E . 7.35 5.25 -16.58
N NIO F . -10.98 2.96 13.90
C1 NIO F . -11.04 3.48 15.15
C2 NIO F . -10.03 3.22 16.05
C3 NIO F . -8.94 2.49 15.70
C4 NIO F . -8.89 1.97 14.43
C5 NIO F . -9.90 2.23 13.54
C6 NIO F . -10.17 3.81 17.44
O1 NIO F . -11.16 4.55 17.64
O2 NIO F . -9.32 3.57 18.37
H1 NIO F . -11.78 4.00 15.41
H3 NIO F . -8.26 2.34 16.30
H4 NIO F . -8.16 1.44 14.17
H5 NIO F . -9.85 1.90 12.67
C1 GOL G . -20.79 -14.75 -11.45
O1 GOL G . -20.78 -13.34 -11.30
C2 GOL G . -19.41 -15.33 -10.99
O2 GOL G . -18.32 -14.52 -11.35
C3 GOL G . -19.28 -16.73 -11.68
O3 GOL G . -20.57 -17.27 -11.77
H11 GOL G . -20.95 -15.01 -12.37
H12 GOL G . -21.49 -15.17 -10.93
HO1 GOL G . -20.53 -13.19 -10.51
H2 GOL G . -19.41 -15.39 -10.03
HO2 GOL G . -17.63 -15.02 -11.38
H31 GOL G . -18.86 -16.61 -12.55
H32 GOL G . -18.67 -17.27 -11.17
N NIO H . 9.42 -0.22 -15.16
C1 NIO H . 9.57 -0.85 -16.35
C2 NIO H . 9.50 -2.22 -16.40
C3 NIO H . 9.26 -2.94 -15.27
C4 NIO H . 9.11 -2.30 -14.07
C5 NIO H . 9.17 -0.93 -14.04
C6 NIO H . 9.69 -2.88 -17.74
O1 NIO H . 9.82 -2.11 -18.76
O2 NIO H . 9.67 -4.16 -17.82
H1 NIO H . 9.71 -0.35 -17.12
H3 NIO H . 9.21 -3.87 -15.31
H4 NIO H . 8.96 -2.78 -13.29
H5 NIO H . 9.05 -0.48 -13.23
#